data_3OE9
#
_entry.id   3OE9
#
_cell.length_a   72.497
_cell.length_b   72.739
_cell.length_c   84.273
_cell.angle_alpha   64.66
_cell.angle_beta   73.93
_cell.angle_gamma   61.31
#
_symmetry.space_group_name_H-M   'P 1'
#
loop_
_entity.id
_entity.type
_entity.pdbx_description
1 polymer 'C-X-C chemokine receptor type 4, Lysozyme Chimera'
2 non-polymer "(6,6-dimethyl-5,6-dihydroimidazo[2,1-b][1,3]thiazol-3-yl)methyl N,N'-dicyclohexylimidothiocarbamate"
#
_entity_poly.entity_id   1
_entity_poly.type   'polypeptide(L)'
_entity_poly.pdbx_seq_one_letter_code
;DYKDDDDAGAPEGISIYTSDNYTEEMGSGDYDSMKEPCFREENANFNKIFLPTIYSIIFLTGIVGNGLVILVMGYQKKLR
SMTDKYRLHLSVADLLFVITLPFWAVDAVANWYFGNFLCKAVHVIYTVNLYSSVWILAFISLDRYLAIVHATNSQRPRKL
LAEKVVYVGVWIPALLLTIPDFIFANVSEADDRYICDRFYPNDLWVVVFQFQHIMVGLILPGIVILSCYCIIISKLSHNI
FEMLRIDEGLRLKIYKDTEGYYTIGIGHLLTKSPSLNAAKSELDKAIGRNTNGVITKDEAEKLFNQDVDAAVRGILRNAK
LKPVYDSLDAVRRAALINMVFQMGETGVAGFTNSLRMLQQKRWDEAAVNLAKSRWYNQTPNRAKRVITTFRTGTWDAYSG
SGHQKRKALKPTVILILAFFACWLPYYIGISIDSFILLEIIKQGCEFENTVHKWISITEALAFFHCCLNPILYAFLGAKF
KTSAQHALTSGRPLEVLFQ
;
_entity_poly.pdbx_strand_id   A,B
#
loop_
_chem_comp.id
_chem_comp.type
_chem_comp.name
_chem_comp.formula
ITD non-polymer '(6,6-dimethyl-5,6-dihydroimidazo[2,1-b][1,3]thiazol-3-yl)methyl N,N'-dicyclohexylimidothiocarbamate' 'C21 H34 N4 S2'
#
# COMPACT_ATOMS: atom_id res chain seq x y z
N CYS A 38 22.36 -26.52 26.95
CA CYS A 38 21.20 -26.24 27.80
C CYS A 38 20.12 -27.33 27.70
N PHE A 39 19.11 -27.27 28.60
CA PHE A 39 17.99 -28.21 28.63
C PHE A 39 16.64 -27.52 28.82
N ARG A 40 15.56 -28.16 28.32
CA ARG A 40 14.19 -27.64 28.40
C ARG A 40 13.45 -28.23 29.63
N ASN A 45 9.72 -26.12 34.00
CA ASN A 45 8.31 -26.48 34.08
C ASN A 45 7.67 -26.09 35.42
N PHE A 46 7.81 -24.79 35.78
CA PHE A 46 7.24 -24.21 37.00
C PHE A 46 5.83 -23.69 36.67
N ASN A 47 5.66 -23.10 35.47
CA ASN A 47 4.36 -22.56 35.05
C ASN A 47 3.46 -23.47 34.18
N LYS A 48 3.72 -24.76 34.22
CA LYS A 48 2.94 -25.80 33.55
C LYS A 48 1.65 -26.41 34.09
N ILE A 49 1.28 -26.05 35.35
CA ILE A 49 0.04 -26.46 36.03
C ILE A 49 -0.79 -25.18 36.34
N PHE A 50 -0.18 -24.00 36.08
CA PHE A 50 -0.76 -22.66 36.20
C PHE A 50 -1.15 -22.17 34.80
N LEU A 51 -0.31 -22.50 33.79
CA LEU A 51 -0.47 -22.18 32.37
C LEU A 51 -1.75 -22.81 31.76
N PRO A 52 -2.14 -24.10 32.06
CA PRO A 52 -3.39 -24.65 31.48
C PRO A 52 -4.66 -23.96 31.95
N THR A 53 -4.60 -23.26 33.11
CA THR A 53 -5.75 -22.51 33.61
C THR A 53 -5.99 -21.30 32.70
N ILE A 54 -4.90 -20.70 32.16
CA ILE A 54 -4.95 -19.56 31.22
C ILE A 54 -5.64 -19.96 29.90
N TYR A 55 -5.33 -21.16 29.33
CA TYR A 55 -6.01 -21.62 28.11
C TYR A 55 -7.50 -21.82 28.39
N SER A 56 -7.84 -22.34 29.59
CA SER A 56 -9.21 -22.61 30.03
C SER A 56 -10.02 -21.33 30.21
N ILE A 57 -9.41 -20.26 30.80
CA ILE A 57 -10.08 -18.97 30.99
C ILE A 57 -10.48 -18.43 29.61
N ILE A 58 -9.52 -18.45 28.67
CA ILE A 58 -9.69 -18.01 27.28
C ILE A 58 -10.66 -18.90 26.50
N PHE A 59 -10.69 -20.22 26.77
CA PHE A 59 -11.63 -21.14 26.13
C PHE A 59 -13.05 -20.81 26.59
N LEU A 60 -13.26 -20.72 27.91
CA LEU A 60 -14.55 -20.41 28.52
C LEU A 60 -15.07 -19.03 28.11
N THR A 61 -14.18 -18.01 28.12
CA THR A 61 -14.57 -16.65 27.74
C THR A 61 -14.72 -16.53 26.22
N GLY A 62 -13.78 -17.13 25.47
CA GLY A 62 -13.75 -17.12 24.02
C GLY A 62 -14.88 -17.85 23.34
N ILE A 63 -15.27 -19.04 23.86
CA ILE A 63 -16.37 -19.81 23.28
C ILE A 63 -17.72 -19.14 23.53
N VAL A 64 -17.97 -18.69 24.78
CA VAL A 64 -19.20 -18.00 25.19
C VAL A 64 -19.30 -16.62 24.52
N GLY A 65 -18.18 -15.90 24.49
CA GLY A 65 -18.09 -14.57 23.90
C GLY A 65 -18.35 -14.55 22.42
N ASN A 66 -17.52 -15.27 21.63
CA ASN A 66 -17.64 -15.38 20.18
C ASN A 66 -18.89 -16.13 19.74
N GLY A 67 -19.34 -17.07 20.57
CA GLY A 67 -20.54 -17.88 20.35
C GLY A 67 -21.80 -17.03 20.28
N LEU A 68 -21.95 -16.06 21.20
CA LEU A 68 -23.11 -15.17 21.17
C LEU A 68 -23.00 -14.06 20.13
N VAL A 69 -21.78 -13.77 19.64
CA VAL A 69 -21.55 -12.78 18.58
C VAL A 69 -22.03 -13.38 17.26
N ILE A 70 -21.58 -14.63 16.96
CA ILE A 70 -22.02 -15.39 15.78
C ILE A 70 -23.54 -15.68 15.88
N LEU A 71 -24.08 -15.77 17.12
CA LEU A 71 -25.51 -15.97 17.36
C LEU A 71 -26.26 -14.69 16.96
N VAL A 72 -25.76 -13.49 17.36
CA VAL A 72 -26.38 -12.20 17.05
C VAL A 72 -26.16 -11.80 15.59
N MET A 73 -24.90 -11.64 15.16
CA MET A 73 -24.52 -11.22 13.82
C MET A 73 -24.94 -12.17 12.69
N GLY A 74 -24.57 -13.45 12.82
CA GLY A 74 -24.82 -14.51 11.84
C GLY A 74 -26.26 -14.68 11.39
N TYR A 75 -27.23 -14.59 12.32
CA TYR A 75 -28.65 -14.77 12.00
C TYR A 75 -29.47 -13.45 11.86
N GLN A 76 -28.78 -12.30 11.89
CA GLN A 76 -29.38 -10.96 11.78
C GLN A 76 -29.21 -10.20 10.44
N LYS A 77 -30.23 -9.36 10.08
CA LYS A 77 -30.29 -8.59 8.85
C LYS A 77 -30.13 -7.05 8.88
N LYS A 78 -30.49 -6.43 10.03
CA LYS A 78 -30.54 -4.97 10.30
C LYS A 78 -29.74 -3.64 10.30
N LEU A 79 -28.55 -3.63 10.96
CA LEU A 79 -27.69 -2.45 11.13
C LEU A 79 -26.34 -3.10 10.91
N ARG A 80 -25.77 -2.93 9.71
CA ARG A 80 -24.49 -3.51 9.35
C ARG A 80 -23.52 -2.62 8.60
N SER A 81 -22.62 -1.97 9.37
CA SER A 81 -21.54 -1.16 8.81
C SER A 81 -20.58 -2.29 8.41
N MET A 82 -19.90 -2.14 7.26
CA MET A 82 -18.99 -3.12 6.65
C MET A 82 -18.02 -3.83 7.61
N THR A 83 -17.52 -3.13 8.65
CA THR A 83 -16.62 -3.68 9.69
C THR A 83 -17.22 -4.80 10.53
N ASP A 84 -18.58 -4.86 10.63
CA ASP A 84 -19.32 -5.90 11.37
C ASP A 84 -19.21 -7.23 10.60
N LYS A 85 -19.19 -7.16 9.26
CA LYS A 85 -19.04 -8.33 8.38
C LYS A 85 -17.63 -8.93 8.56
N TYR A 86 -16.59 -8.06 8.64
CA TYR A 86 -15.20 -8.45 8.87
C TYR A 86 -15.06 -9.02 10.29
N ARG A 87 -15.77 -8.42 11.27
CA ARG A 87 -15.77 -8.85 12.67
C ARG A 87 -16.34 -10.25 12.82
N LEU A 88 -17.31 -10.63 11.95
CA LEU A 88 -17.91 -11.96 11.92
C LEU A 88 -16.85 -12.97 11.48
N HIS A 89 -16.01 -12.58 10.50
CA HIS A 89 -14.91 -13.40 9.99
C HIS A 89 -13.86 -13.61 11.09
N LEU A 90 -13.65 -12.56 11.92
CA LEU A 90 -12.73 -12.58 13.05
C LEU A 90 -13.28 -13.47 14.17
N SER A 91 -14.57 -13.32 14.51
CA SER A 91 -15.25 -14.10 15.54
C SER A 91 -15.32 -15.59 15.22
N VAL A 92 -15.57 -15.97 13.94
CA VAL A 92 -15.62 -17.36 13.49
C VAL A 92 -14.23 -18.00 13.56
N ALA A 93 -13.18 -17.22 13.19
CA ALA A 93 -11.77 -17.64 13.24
C ALA A 93 -11.33 -17.93 14.66
N ASP A 94 -11.78 -17.07 15.62
CA ASP A 94 -11.47 -17.21 17.05
C ASP A 94 -12.22 -18.40 17.63
N LEU A 95 -13.53 -18.55 17.30
CA LEU A 95 -14.41 -19.64 17.75
C LEU A 95 -13.85 -21.00 17.39
N LEU A 96 -13.35 -21.15 16.14
CA LEU A 96 -12.75 -22.37 15.62
C LEU A 96 -11.48 -22.69 16.43
N PHE A 97 -10.65 -21.66 16.70
CA PHE A 97 -9.41 -21.78 17.46
C PHE A 97 -9.61 -22.04 18.94
N VAL A 98 -10.59 -21.37 19.59
CA VAL A 98 -10.84 -21.58 21.03
C VAL A 98 -11.26 -23.01 21.38
N ILE A 99 -11.94 -23.70 20.42
CA ILE A 99 -12.34 -25.11 20.51
C ILE A 99 -11.07 -25.99 20.66
N THR A 100 -9.93 -25.52 20.11
CA THR A 100 -8.63 -26.18 20.17
C THR A 100 -7.92 -26.04 21.54
N LEU A 101 -8.32 -25.04 22.37
CA LEU A 101 -7.74 -24.79 23.70
C LEU A 101 -7.75 -25.95 24.75
N PRO A 102 -8.83 -26.75 24.95
CA PRO A 102 -8.75 -27.88 25.90
C PRO A 102 -7.62 -28.85 25.54
N PHE A 103 -7.32 -29.02 24.22
CA PHE A 103 -6.22 -29.85 23.73
C PHE A 103 -4.88 -29.32 24.27
N TRP A 104 -4.64 -27.98 24.16
CA TRP A 104 -3.46 -27.28 24.69
C TRP A 104 -3.34 -27.51 26.20
N ALA A 105 -4.48 -27.43 26.93
CA ALA A 105 -4.57 -27.63 28.37
C ALA A 105 -4.28 -29.06 28.79
N VAL A 106 -4.78 -30.06 28.03
CA VAL A 106 -4.56 -31.49 28.29
C VAL A 106 -3.09 -31.86 28.05
N ASP A 107 -2.48 -31.29 26.99
CA ASP A 107 -1.08 -31.46 26.63
C ASP A 107 -0.16 -30.87 27.70
N ALA A 108 -0.57 -29.73 28.30
CA ALA A 108 0.16 -29.04 29.36
C ALA A 108 0.09 -29.76 30.72
N VAL A 109 -1.07 -30.40 31.04
CA VAL A 109 -1.26 -31.09 32.31
C VAL A 109 -0.47 -32.40 32.28
N ALA A 110 -0.91 -33.37 31.45
CA ALA A 110 -0.25 -34.68 31.39
C ALA A 110 0.25 -35.45 30.17
N ASN A 111 -0.48 -35.39 29.02
CA ASN A 111 -0.12 -36.16 27.81
C ASN A 111 -0.84 -35.69 26.55
N TRP A 112 -0.66 -36.44 25.43
CA TRP A 112 -1.27 -36.20 24.13
C TRP A 112 -1.89 -37.53 23.69
N TYR A 113 -3.18 -37.73 24.00
CA TYR A 113 -3.94 -38.94 23.70
C TYR A 113 -4.69 -38.84 22.37
N PHE A 114 -4.74 -37.64 21.78
CA PHE A 114 -5.46 -37.30 20.55
C PHE A 114 -5.02 -37.96 19.25
N GLY A 115 -3.73 -38.20 19.08
CA GLY A 115 -3.21 -38.89 17.91
C GLY A 115 -2.64 -38.03 16.80
N ASN A 116 -2.37 -38.68 15.65
CA ASN A 116 -1.77 -38.13 14.43
C ASN A 116 -2.56 -37.01 13.74
N PHE A 117 -3.84 -37.28 13.36
CA PHE A 117 -4.70 -36.34 12.65
C PHE A 117 -5.00 -35.07 13.45
N LEU A 118 -5.33 -35.23 14.74
CA LEU A 118 -5.65 -34.12 15.62
C LEU A 118 -4.44 -33.26 15.98
N CYS A 119 -3.20 -33.82 15.91
CA CYS A 119 -1.95 -33.09 16.16
C CYS A 119 -1.73 -32.11 15.01
N LYS A 120 -2.04 -32.56 13.78
CA LYS A 120 -1.97 -31.79 12.54
C LYS A 120 -3.06 -30.71 12.56
N ALA A 121 -4.31 -31.10 12.85
CA ALA A 121 -5.49 -30.23 12.91
C ALA A 121 -5.31 -29.07 13.90
N VAL A 122 -4.85 -29.34 15.13
CA VAL A 122 -4.60 -28.32 16.16
C VAL A 122 -3.55 -27.30 15.65
N HIS A 123 -2.48 -27.81 15.02
CA HIS A 123 -1.42 -26.98 14.46
C HIS A 123 -1.89 -26.14 13.27
N VAL A 124 -2.77 -26.72 12.41
CA VAL A 124 -3.29 -25.98 11.25
C VAL A 124 -4.32 -24.92 11.61
N ILE A 125 -5.13 -25.19 12.66
CA ILE A 125 -6.15 -24.28 13.15
C ILE A 125 -5.50 -23.07 13.85
N TYR A 126 -4.37 -23.30 14.54
CA TYR A 126 -3.60 -22.26 15.21
C TYR A 126 -2.96 -21.32 14.20
N THR A 127 -2.42 -21.86 13.08
CA THR A 127 -1.79 -21.07 12.02
C THR A 127 -2.77 -20.21 11.24
N VAL A 128 -3.97 -20.75 10.91
CA VAL A 128 -5.00 -19.99 10.20
C VAL A 128 -5.47 -18.79 11.05
N ASN A 129 -5.72 -19.00 12.35
CA ASN A 129 -6.14 -17.96 13.30
C ASN A 129 -5.03 -16.94 13.54
N LEU A 130 -3.76 -17.36 13.42
CA LEU A 130 -2.60 -16.49 13.61
C LEU A 130 -2.49 -15.45 12.49
N TYR A 131 -2.68 -15.89 11.23
CA TYR A 131 -2.59 -15.03 10.05
C TYR A 131 -3.88 -14.31 9.68
N SER A 132 -5.04 -15.02 9.69
CA SER A 132 -6.34 -14.44 9.34
C SER A 132 -6.73 -13.25 10.22
N SER A 133 -6.58 -13.39 11.57
CA SER A 133 -6.93 -12.36 12.56
C SER A 133 -6.29 -11.00 12.26
N VAL A 134 -4.96 -10.96 12.20
CA VAL A 134 -4.18 -9.76 11.92
C VAL A 134 -4.49 -9.21 10.51
N TRP A 135 -4.76 -10.09 9.54
CA TRP A 135 -5.10 -9.70 8.17
C TRP A 135 -6.53 -9.20 8.03
N ILE A 136 -7.41 -9.60 8.96
CA ILE A 136 -8.80 -9.13 9.03
C ILE A 136 -8.75 -7.67 9.53
N LEU A 137 -7.82 -7.38 10.47
CA LEU A 137 -7.59 -6.04 11.01
C LEU A 137 -6.97 -5.14 9.94
N ALA A 138 -6.17 -5.73 9.02
CA ALA A 138 -5.57 -5.02 7.89
C ALA A 138 -6.68 -4.65 6.89
N PHE A 139 -7.63 -5.58 6.67
CA PHE A 139 -8.78 -5.38 5.80
C PHE A 139 -9.78 -4.41 6.42
N ILE A 140 -9.81 -4.35 7.78
CA ILE A 140 -10.63 -3.42 8.56
C ILE A 140 -10.02 -2.02 8.41
N SER A 141 -8.69 -1.92 8.48
CA SER A 141 -7.96 -0.66 8.30
C SER A 141 -8.10 -0.15 6.87
N LEU A 142 -8.09 -1.07 5.86
CA LEU A 142 -8.28 -0.76 4.44
C LEU A 142 -9.66 -0.13 4.25
N ASP A 143 -10.70 -0.76 4.84
CA ASP A 143 -12.10 -0.33 4.85
C ASP A 143 -12.23 1.12 5.34
N ARG A 144 -11.47 1.49 6.39
CA ARG A 144 -11.44 2.83 6.98
C ARG A 144 -10.81 3.84 6.02
N TYR A 145 -9.75 3.44 5.31
CA TYR A 145 -9.05 4.27 4.33
C TYR A 145 -10.01 4.64 3.19
N LEU A 146 -10.81 3.67 2.72
CA LEU A 146 -11.80 3.85 1.67
C LEU A 146 -12.98 4.66 2.19
N ALA A 147 -13.31 4.53 3.49
CA ALA A 147 -14.43 5.25 4.11
C ALA A 147 -14.14 6.73 4.35
N ILE A 148 -12.89 7.08 4.73
CA ILE A 148 -12.49 8.47 5.03
C ILE A 148 -11.93 9.21 3.80
N VAL A 149 -10.93 8.60 3.13
CA VAL A 149 -10.28 9.20 1.96
C VAL A 149 -11.14 9.16 0.68
N HIS A 150 -11.61 7.96 0.27
CA HIS A 150 -12.42 7.81 -0.95
C HIS A 150 -13.95 7.67 -0.81
N ALA A 151 -14.52 8.34 0.21
CA ALA A 151 -15.94 8.32 0.55
C ALA A 151 -16.91 8.41 -0.63
N THR A 152 -16.75 9.46 -1.47
CA THR A 152 -17.54 9.70 -2.67
C THR A 152 -16.59 9.78 -3.88
N ASN A 153 -15.38 10.25 -3.65
CA ASN A 153 -14.38 10.37 -4.71
C ASN A 153 -14.30 9.09 -5.55
N SER A 154 -14.25 7.95 -4.89
CA SER A 154 -14.16 6.67 -5.57
C SER A 154 -15.17 5.67 -5.00
N GLN A 155 -16.05 5.17 -5.85
CA GLN A 155 -17.06 4.20 -5.43
C GLN A 155 -16.46 3.04 -4.66
N ARG A 156 -17.25 2.45 -3.77
CA ARG A 156 -16.80 1.33 -2.96
C ARG A 156 -16.13 0.13 -3.63
N PRO A 157 -14.96 -0.34 -3.10
CA PRO A 157 -14.40 -1.63 -3.57
C PRO A 157 -14.57 -2.31 -2.20
N ARG A 158 -15.04 -1.53 -1.20
CA ARG A 158 -15.40 -1.84 0.19
C ARG A 158 -16.42 -2.98 0.24
N LYS A 159 -17.31 -3.04 -0.78
CA LYS A 159 -18.33 -4.09 -0.93
C LYS A 159 -17.62 -5.39 -1.33
N LEU A 160 -16.72 -5.32 -2.33
CA LEU A 160 -15.95 -6.42 -2.88
C LEU A 160 -15.02 -7.08 -1.86
N LEU A 161 -14.34 -6.27 -1.02
CA LEU A 161 -13.43 -6.77 0.02
C LEU A 161 -14.18 -7.50 1.14
N ALA A 162 -15.36 -6.97 1.52
CA ALA A 162 -16.20 -7.54 2.57
C ALA A 162 -17.02 -8.75 2.11
N GLU A 163 -17.52 -8.71 0.85
CA GLU A 163 -18.34 -9.78 0.27
C GLU A 163 -17.53 -10.92 -0.37
N LYS A 164 -16.47 -10.60 -1.14
CA LYS A 164 -15.69 -11.63 -1.84
C LYS A 164 -14.17 -11.77 -1.67
N VAL A 165 -13.42 -10.65 -1.68
CA VAL A 165 -11.94 -10.58 -1.62
C VAL A 165 -11.38 -11.24 -0.35
N VAL A 166 -11.98 -10.96 0.83
CA VAL A 166 -11.58 -11.51 2.14
C VAL A 166 -11.37 -13.06 2.14
N TYR A 167 -12.20 -13.77 1.35
CA TYR A 167 -12.14 -15.23 1.20
C TYR A 167 -10.86 -15.68 0.50
N VAL A 168 -10.52 -15.08 -0.66
CA VAL A 168 -9.34 -15.45 -1.46
C VAL A 168 -8.08 -14.59 -1.20
N GLY A 169 -8.23 -13.50 -0.45
CA GLY A 169 -7.14 -12.60 -0.13
C GLY A 169 -6.55 -12.77 1.25
N VAL A 170 -7.37 -13.28 2.19
CA VAL A 170 -6.98 -13.48 3.60
C VAL A 170 -7.22 -14.90 4.13
N TRP A 171 -8.38 -15.49 3.79
CA TRP A 171 -8.82 -16.82 4.24
C TRP A 171 -8.04 -17.91 3.51
N ILE A 172 -8.19 -18.01 2.17
CA ILE A 172 -7.51 -18.99 1.32
C ILE A 172 -5.96 -18.94 1.41
N PRO A 173 -5.27 -17.77 1.34
CA PRO A 173 -3.80 -17.79 1.48
C PRO A 173 -3.35 -18.42 2.79
N ALA A 174 -3.98 -18.04 3.92
CA ALA A 174 -3.69 -18.59 5.25
C ALA A 174 -4.05 -20.08 5.34
N LEU A 175 -5.11 -20.50 4.61
CA LEU A 175 -5.56 -21.90 4.55
C LEU A 175 -4.58 -22.74 3.71
N LEU A 176 -3.77 -22.07 2.86
CA LEU A 176 -2.75 -22.73 2.04
C LEU A 176 -1.36 -22.59 2.70
N LEU A 177 -1.19 -21.58 3.58
CA LEU A 177 0.04 -21.34 4.34
C LEU A 177 0.12 -22.35 5.48
N THR A 178 -0.97 -23.09 5.70
CA THR A 178 -1.16 -24.11 6.72
C THR A 178 -0.62 -25.49 6.28
N ILE A 179 -0.32 -25.65 4.96
CA ILE A 179 0.23 -26.86 4.33
C ILE A 179 1.59 -27.31 4.98
N PRO A 180 2.61 -26.43 5.19
CA PRO A 180 3.83 -26.88 5.88
C PRO A 180 3.61 -27.43 7.29
N ASP A 181 2.47 -27.11 7.90
CA ASP A 181 2.10 -27.61 9.23
C ASP A 181 1.20 -28.84 9.13
N PHE A 182 0.76 -29.20 7.90
CA PHE A 182 -0.07 -30.37 7.67
C PHE A 182 0.76 -31.67 7.66
N ILE A 183 2.05 -31.57 7.27
CA ILE A 183 2.95 -32.72 7.20
C ILE A 183 4.16 -32.67 8.16
N PHE A 184 4.73 -31.47 8.43
CA PHE A 184 5.87 -31.33 9.34
C PHE A 184 5.51 -31.46 10.83
N ALA A 185 4.21 -31.36 11.17
CA ALA A 185 3.71 -31.51 12.54
C ALA A 185 3.27 -32.96 12.75
N ASN A 186 3.96 -33.67 13.66
CA ASN A 186 3.67 -35.08 13.95
C ASN A 186 3.78 -35.40 15.44
N VAL A 187 3.25 -36.58 15.83
CA VAL A 187 3.27 -37.10 17.20
C VAL A 187 4.57 -37.87 17.52
N SER A 188 5.28 -37.45 18.58
CA SER A 188 6.52 -38.09 19.04
C SER A 188 6.22 -38.99 20.23
N GLU A 189 6.78 -40.20 20.21
CA GLU A 189 6.60 -41.18 21.27
C GLU A 189 7.95 -41.38 22.00
N ALA A 190 8.63 -40.25 22.30
CA ALA A 190 9.94 -40.14 22.96
C ALA A 190 10.15 -40.89 24.29
N ASP A 191 9.32 -40.59 25.31
CA ASP A 191 9.32 -41.26 26.63
C ASP A 191 7.87 -41.72 26.64
N ASP A 192 7.42 -42.31 27.76
CA ASP A 192 6.02 -42.67 27.98
C ASP A 192 5.09 -41.46 27.81
N ARG A 193 5.68 -40.24 27.85
CA ARG A 193 5.05 -38.96 27.62
C ARG A 193 5.23 -38.59 26.15
N TYR A 194 4.10 -38.41 25.44
CA TYR A 194 4.05 -38.08 24.02
C TYR A 194 4.04 -36.58 23.81
N ILE A 195 4.90 -36.10 22.89
CA ILE A 195 5.07 -34.68 22.56
C ILE A 195 4.57 -34.39 21.13
N CYS A 196 3.46 -33.63 21.01
CA CYS A 196 2.88 -33.25 19.72
C CYS A 196 3.35 -31.84 19.34
N ASP A 197 4.20 -31.76 18.30
CA ASP A 197 4.73 -30.52 17.71
C ASP A 197 5.36 -30.71 16.34
N ARG A 198 5.80 -29.61 15.71
CA ARG A 198 6.41 -29.60 14.38
C ARG A 198 7.87 -30.02 14.43
N PHE A 199 8.20 -31.11 13.73
CA PHE A 199 9.55 -31.66 13.62
C PHE A 199 10.09 -31.44 12.21
N TYR A 200 10.82 -30.35 12.01
CA TYR A 200 11.42 -30.05 10.70
C TYR A 200 12.79 -30.71 10.58
N PRO A 201 13.43 -30.62 9.42
CA PRO A 201 14.77 -31.26 9.30
C PRO A 201 16.23 -30.80 9.53
N ASN A 202 16.39 -29.52 9.71
CA ASN A 202 17.68 -28.92 9.76
C ASN A 202 17.03 -28.00 10.73
N ASP A 203 17.76 -26.97 11.11
CA ASP A 203 17.22 -25.79 11.77
C ASP A 203 16.99 -24.79 10.64
N LEU A 204 17.85 -24.83 9.62
CA LEU A 204 17.75 -23.89 8.51
C LEU A 204 16.35 -23.88 7.88
N TRP A 205 15.49 -24.85 8.24
CA TRP A 205 14.08 -24.95 7.82
C TRP A 205 13.19 -24.23 8.83
N VAL A 206 13.69 -24.09 10.06
CA VAL A 206 13.03 -23.46 11.20
C VAL A 206 12.98 -21.93 11.03
N VAL A 207 14.15 -21.29 10.83
CA VAL A 207 14.27 -19.83 10.68
C VAL A 207 13.56 -19.30 9.44
N VAL A 208 13.53 -20.09 8.32
CA VAL A 208 12.86 -19.71 7.06
C VAL A 208 11.33 -19.62 7.20
N PHE A 209 10.76 -20.35 8.18
CA PHE A 209 9.34 -20.34 8.48
C PHE A 209 9.06 -19.37 9.61
N GLN A 210 10.03 -19.22 10.55
CA GLN A 210 9.91 -18.27 11.65
C GLN A 210 10.22 -16.82 11.22
N PHE A 211 10.52 -16.64 9.92
CA PHE A 211 10.76 -15.36 9.24
C PHE A 211 9.51 -15.08 8.41
N GLN A 212 8.89 -16.17 7.85
CA GLN A 212 7.64 -16.18 7.08
C GLN A 212 6.50 -15.75 8.02
N HIS A 213 6.62 -16.14 9.31
CA HIS A 213 5.69 -15.80 10.39
C HIS A 213 5.78 -14.31 10.73
N ILE A 214 7.01 -13.73 10.76
CA ILE A 214 7.22 -12.32 11.05
C ILE A 214 6.79 -11.46 9.85
N MET A 215 7.01 -11.97 8.62
CA MET A 215 6.67 -11.30 7.37
C MET A 215 5.15 -11.23 7.15
N VAL A 216 4.51 -12.38 6.93
CA VAL A 216 3.07 -12.52 6.67
C VAL A 216 2.20 -12.23 7.91
N GLY A 217 2.74 -12.51 9.11
CA GLY A 217 2.04 -12.31 10.37
C GLY A 217 2.12 -10.91 10.97
N LEU A 218 3.28 -10.23 10.84
CA LEU A 218 3.44 -8.91 11.41
C LEU A 218 3.89 -7.76 10.51
N ILE A 219 4.81 -8.03 9.55
CA ILE A 219 5.41 -7.04 8.64
C ILE A 219 4.36 -6.60 7.61
N LEU A 220 3.92 -7.54 6.75
CA LEU A 220 2.94 -7.28 5.68
C LEU A 220 1.57 -6.72 6.16
N PRO A 221 0.86 -7.31 7.16
CA PRO A 221 -0.40 -6.69 7.60
C PRO A 221 -0.21 -5.44 8.48
N GLY A 222 0.88 -5.41 9.26
CA GLY A 222 1.25 -4.29 10.13
C GLY A 222 1.49 -2.99 9.39
N ILE A 223 2.12 -3.07 8.18
CA ILE A 223 2.39 -1.93 7.30
C ILE A 223 1.07 -1.32 6.84
N VAL A 224 0.15 -2.15 6.31
CA VAL A 224 -1.19 -1.78 5.83
C VAL A 224 -1.93 -0.94 6.88
N ILE A 225 -2.04 -1.47 8.13
CA ILE A 225 -2.70 -0.81 9.28
C ILE A 225 -2.06 0.56 9.61
N LEU A 226 -0.72 0.62 9.67
CA LEU A 226 -0.01 1.86 9.99
C LEU A 226 -0.04 2.88 8.86
N SER A 227 -0.19 2.41 7.60
CA SER A 227 -0.29 3.27 6.41
C SER A 227 -1.62 4.01 6.46
N CYS A 228 -2.73 3.26 6.68
CA CYS A 228 -4.10 3.79 6.80
C CYS A 228 -4.17 4.80 7.94
N TYR A 229 -3.61 4.45 9.12
CA TYR A 229 -3.58 5.30 10.31
C TYR A 229 -2.83 6.62 10.14
N CYS A 230 -1.94 6.70 9.12
CA CYS A 230 -1.19 7.93 8.85
C CYS A 230 -1.80 8.72 7.69
N ILE A 231 -2.37 8.04 6.68
CA ILE A 231 -3.02 8.65 5.52
C ILE A 231 -4.35 9.30 5.95
N ILE A 232 -5.12 8.61 6.82
CA ILE A 232 -6.40 9.09 7.34
C ILE A 232 -6.19 10.38 8.14
N ILE A 233 -5.48 10.31 9.30
CA ILE A 233 -5.24 11.49 10.16
C ILE A 233 -4.67 12.74 9.44
N SER A 234 -4.05 12.53 8.27
CA SER A 234 -3.52 13.59 7.40
C SER A 234 -4.65 14.13 6.53
N LYS A 235 -5.41 13.25 5.85
CA LYS A 235 -6.50 13.68 4.95
C LYS A 235 -7.89 13.86 5.61
N LEU A 236 -7.86 13.87 6.94
CA LEU A 236 -8.99 14.05 7.87
C LEU A 236 -8.84 15.42 8.53
N SER A 237 -7.57 15.85 8.74
CA SER A 237 -7.19 17.16 9.29
C SER A 237 -7.09 18.17 8.14
N HIS A 238 -7.66 17.79 7.00
CA HIS A 238 -7.74 18.65 5.84
C HIS A 238 -9.21 18.95 5.63
N ASN A 239 -10.05 17.97 5.97
CA ASN A 239 -11.49 18.17 5.97
C ASN A 239 -11.81 19.34 6.88
N ILE A 240 -10.97 19.54 7.90
CA ILE A 240 -11.11 20.70 8.78
C ILE A 240 -10.84 22.00 7.98
N PHE A 241 -9.92 21.94 6.99
CA PHE A 241 -9.57 23.06 6.12
C PHE A 241 -10.78 23.38 5.24
N GLU A 242 -11.30 22.35 4.54
CA GLU A 242 -12.46 22.42 3.66
C GLU A 242 -13.74 22.88 4.37
N MET A 243 -13.90 22.51 5.67
CA MET A 243 -15.05 22.89 6.50
C MET A 243 -14.96 24.38 6.81
N LEU A 244 -13.77 24.83 7.25
CA LEU A 244 -13.52 26.21 7.61
C LEU A 244 -13.37 27.18 6.44
N ARG A 245 -13.07 26.67 5.22
CA ARG A 245 -12.98 27.49 4.02
C ARG A 245 -14.39 27.96 3.63
N ILE A 246 -15.38 27.06 3.78
CA ILE A 246 -16.79 27.32 3.51
C ILE A 246 -17.36 28.31 4.53
N ASP A 247 -16.96 28.16 5.81
CA ASP A 247 -17.45 29.00 6.91
C ASP A 247 -16.70 30.34 7.12
N GLU A 248 -15.36 30.29 7.35
CA GLU A 248 -14.56 31.50 7.61
C GLU A 248 -14.10 32.24 6.34
N GLY A 249 -13.88 31.50 5.26
CA GLY A 249 -13.45 32.09 3.98
C GLY A 249 -11.94 32.17 3.81
N LEU A 250 -11.47 31.88 2.58
CA LEU A 250 -10.05 31.92 2.22
C LEU A 250 -9.73 33.15 1.36
N ARG A 251 -8.88 34.04 1.90
CA ARG A 251 -8.40 35.25 1.24
C ARG A 251 -6.88 35.23 1.17
N LEU A 252 -6.34 35.10 -0.05
CA LEU A 252 -4.90 35.00 -0.31
C LEU A 252 -4.12 36.32 -0.19
N LYS A 253 -4.84 37.44 -0.12
CA LYS A 253 -4.30 38.78 0.05
C LYS A 253 -4.79 39.36 1.39
N ILE A 254 -4.06 40.34 1.97
CA ILE A 254 -4.43 40.97 3.24
C ILE A 254 -5.75 41.76 3.12
N TYR A 255 -6.77 41.34 3.91
CA TYR A 255 -8.09 41.98 3.97
C TYR A 255 -8.40 42.38 5.42
N LYS A 256 -9.62 42.90 5.69
CA LYS A 256 -10.04 43.31 7.04
C LYS A 256 -11.26 42.49 7.50
N GLY A 260 -13.03 44.46 12.47
CA GLY A 260 -12.45 44.47 11.14
C GLY A 260 -10.98 44.85 11.12
N TYR A 261 -10.11 43.90 11.52
CA TYR A 261 -8.65 44.08 11.59
C TYR A 261 -7.94 43.30 10.47
N TYR A 262 -6.66 43.63 10.17
CA TYR A 262 -5.85 42.99 9.12
C TYR A 262 -5.82 41.45 9.24
N THR A 263 -6.36 40.77 8.21
CA THR A 263 -6.51 39.30 8.17
C THR A 263 -5.96 38.67 6.86
N ILE A 264 -5.53 37.39 6.94
CA ILE A 264 -4.98 36.61 5.84
C ILE A 264 -5.49 35.14 5.92
N GLY A 265 -5.56 34.46 4.77
CA GLY A 265 -5.99 33.06 4.65
C GLY A 265 -7.29 32.69 5.34
N ILE A 266 -7.31 31.52 6.01
CA ILE A 266 -8.50 31.05 6.74
C ILE A 266 -8.60 31.80 8.09
N GLY A 267 -9.01 33.06 8.02
CA GLY A 267 -9.19 33.94 9.17
C GLY A 267 -8.02 34.08 10.12
N HIS A 268 -6.82 34.35 9.59
CA HIS A 268 -5.63 34.53 10.43
C HIS A 268 -5.44 36.01 10.78
N LEU A 269 -5.77 36.36 12.04
CA LEU A 269 -5.64 37.70 12.59
C LEU A 269 -4.15 37.99 12.81
N LEU A 270 -3.61 38.94 12.03
CA LEU A 270 -2.20 39.32 12.08
C LEU A 270 -1.93 40.30 13.21
N THR A 271 -2.57 41.48 13.14
CA THR A 271 -2.42 42.55 14.13
C THR A 271 -3.69 43.41 14.24
N LYS A 272 -3.96 43.93 15.46
CA LYS A 272 -5.06 44.84 15.75
C LYS A 272 -4.60 46.27 15.47
N SER A 273 -3.28 46.42 15.20
CA SER A 273 -2.58 47.68 14.93
C SER A 273 -3.11 48.39 13.68
N PRO A 274 -3.36 49.71 13.73
CA PRO A 274 -3.85 50.41 12.52
C PRO A 274 -2.72 50.85 11.58
N SER A 275 -1.95 49.87 11.06
CA SER A 275 -0.85 50.10 10.11
C SER A 275 -0.61 48.84 9.26
N LEU A 276 -0.70 49.00 7.92
CA LEU A 276 -0.53 47.92 6.94
C LEU A 276 0.88 47.35 6.91
N ASN A 277 1.92 48.21 7.04
CA ASN A 277 3.31 47.77 7.06
C ASN A 277 3.66 46.96 8.31
N ALA A 278 2.93 47.21 9.42
CA ALA A 278 3.05 46.49 10.68
C ALA A 278 2.46 45.09 10.52
N ALA A 279 1.40 44.97 9.66
CA ALA A 279 0.75 43.69 9.33
C ALA A 279 1.66 42.84 8.45
N LYS A 280 2.50 43.51 7.61
CA LYS A 280 3.47 42.86 6.72
C LYS A 280 4.59 42.24 7.58
N SER A 281 5.12 43.01 8.56
CA SER A 281 6.18 42.58 9.47
C SER A 281 5.74 41.36 10.28
N GLU A 282 4.46 41.33 10.72
CA GLU A 282 3.88 40.22 11.46
C GLU A 282 3.66 39.01 10.55
N LEU A 283 3.43 39.25 9.24
CA LEU A 283 3.24 38.20 8.23
C LEU A 283 4.57 37.51 7.96
N ASP A 284 5.61 38.29 7.57
CA ASP A 284 6.96 37.81 7.29
C ASP A 284 7.63 37.12 8.49
N LYS A 285 7.29 37.55 9.72
CA LYS A 285 7.82 37.01 10.98
C LYS A 285 7.45 35.54 11.20
N ALA A 286 6.24 35.13 10.79
CA ALA A 286 5.77 33.76 10.96
C ALA A 286 5.57 32.88 9.71
N ILE A 287 6.01 33.39 8.54
CA ILE A 287 5.92 32.67 7.26
C ILE A 287 7.21 32.28 6.51
N GLY A 288 8.25 33.11 6.65
CA GLY A 288 9.55 32.90 6.02
C GLY A 288 10.04 34.07 5.20
N ARG A 289 9.57 34.16 3.95
CA ARG A 289 9.95 35.20 2.99
C ARG A 289 9.17 36.51 3.14
N ASN A 290 9.64 37.58 2.48
CA ASN A 290 9.01 38.90 2.47
C ASN A 290 7.90 38.90 1.38
N THR A 291 6.81 38.19 1.68
CA THR A 291 5.62 37.95 0.84
C THR A 291 4.98 39.20 0.25
N ASN A 292 4.91 40.29 1.05
CA ASN A 292 4.31 41.58 0.69
C ASN A 292 2.79 41.79 0.55
N GLY A 293 2.03 40.96 1.27
CA GLY A 293 0.57 41.01 1.36
C GLY A 293 -0.13 39.95 0.55
N VAL A 294 0.61 39.08 -0.17
CA VAL A 294 0.01 38.05 -1.02
C VAL A 294 0.63 36.67 -0.69
N ILE A 295 -0.24 35.69 -0.37
CA ILE A 295 0.12 34.29 -0.09
C ILE A 295 -0.60 33.35 -1.08
N THR A 296 -0.30 32.03 -1.06
CA THR A 296 -0.95 31.06 -1.96
C THR A 296 -1.69 29.93 -1.25
N LYS A 297 -2.70 29.33 -1.93
CA LYS A 297 -3.58 28.24 -1.49
C LYS A 297 -2.85 27.09 -0.77
N ASP A 298 -1.75 26.59 -1.37
CA ASP A 298 -0.96 25.49 -0.79
C ASP A 298 -0.23 25.91 0.50
N GLU A 299 0.41 27.10 0.50
CA GLU A 299 1.12 27.61 1.68
C GLU A 299 0.16 28.21 2.73
N ALA A 300 -1.12 28.46 2.35
CA ALA A 300 -2.18 28.96 3.22
C ALA A 300 -2.61 27.84 4.17
N GLU A 301 -2.55 26.58 3.69
CA GLU A 301 -2.89 25.36 4.43
C GLU A 301 -2.03 25.26 5.69
N LYS A 302 -0.71 25.49 5.57
CA LYS A 302 0.28 25.44 6.66
C LYS A 302 -0.07 26.42 7.78
N LEU A 303 -0.28 27.72 7.44
CA LEU A 303 -0.64 28.80 8.39
C LEU A 303 -1.87 28.44 9.23
N PHE A 304 -2.90 27.88 8.57
CA PHE A 304 -4.16 27.45 9.18
C PHE A 304 -3.94 26.25 10.10
N ASN A 305 -3.11 25.28 9.67
CA ASN A 305 -2.78 24.08 10.42
C ASN A 305 -2.06 24.41 11.73
N GLN A 306 -1.30 25.53 11.74
CA GLN A 306 -0.58 26.04 12.92
C GLN A 306 -1.60 26.59 13.93
N ASP A 307 -2.63 27.32 13.44
CA ASP A 307 -3.69 27.90 14.26
C ASP A 307 -4.61 26.81 14.85
N VAL A 308 -4.77 25.68 14.11
CA VAL A 308 -5.55 24.50 14.52
C VAL A 308 -4.86 23.83 15.71
N ASP A 309 -3.54 23.60 15.61
CA ASP A 309 -2.72 23.00 16.67
C ASP A 309 -2.70 23.88 17.92
N ALA A 310 -2.64 25.22 17.74
CA ALA A 310 -2.64 26.20 18.83
C ALA A 310 -3.97 26.19 19.59
N ALA A 311 -5.09 26.00 18.85
CA ALA A 311 -6.45 25.91 19.40
C ALA A 311 -6.65 24.57 20.09
N VAL A 312 -6.19 23.47 19.47
CA VAL A 312 -6.25 22.11 20.02
C VAL A 312 -5.49 22.05 21.35
N ARG A 313 -4.23 22.57 21.37
CA ARG A 313 -3.40 22.64 22.58
C ARG A 313 -4.07 23.46 23.70
N GLY A 314 -4.81 24.50 23.29
CA GLY A 314 -5.57 25.38 24.17
C GLY A 314 -6.79 24.70 24.76
N ILE A 315 -7.51 23.92 23.94
CA ILE A 315 -8.70 23.14 24.33
C ILE A 315 -8.27 22.12 25.40
N LEU A 316 -7.15 21.42 25.15
CA LEU A 316 -6.57 20.41 26.04
C LEU A 316 -6.09 20.98 27.39
N ARG A 317 -6.14 22.31 27.55
CA ARG A 317 -5.80 23.04 28.77
C ARG A 317 -7.05 23.58 29.48
N ASN A 318 -8.11 23.94 28.72
CA ASN A 318 -9.38 24.44 29.24
C ASN A 318 -10.10 23.34 30.03
N ALA A 319 -10.47 23.63 31.29
CA ALA A 319 -11.13 22.68 32.20
C ALA A 319 -12.50 22.18 31.72
N LYS A 320 -13.25 23.04 31.01
CA LYS A 320 -14.58 22.69 30.47
C LYS A 320 -14.47 21.95 29.12
N LEU A 321 -13.58 22.42 28.25
CA LEU A 321 -13.40 21.89 26.90
C LEU A 321 -12.63 20.59 26.77
N LYS A 322 -11.55 20.40 27.57
CA LYS A 322 -10.72 19.20 27.54
C LYS A 322 -11.49 17.86 27.57
N PRO A 323 -12.43 17.61 28.53
CA PRO A 323 -13.14 16.31 28.50
C PRO A 323 -14.10 16.13 27.32
N VAL A 324 -14.71 17.22 26.84
CA VAL A 324 -15.66 17.20 25.73
C VAL A 324 -14.95 16.85 24.42
N TYR A 325 -13.81 17.50 24.13
CA TYR A 325 -13.01 17.25 22.93
C TYR A 325 -12.49 15.81 22.91
N ASP A 326 -12.08 15.28 24.08
CA ASP A 326 -11.59 13.92 24.23
C ASP A 326 -12.72 12.89 24.04
N SER A 327 -13.97 13.29 24.35
CA SER A 327 -15.17 12.45 24.20
C SER A 327 -15.61 12.36 22.73
N LEU A 328 -15.64 13.51 22.03
CA LEU A 328 -16.06 13.64 20.64
C LEU A 328 -15.19 12.89 19.63
N ASP A 329 -15.76 12.65 18.45
CA ASP A 329 -15.15 11.97 17.31
C ASP A 329 -14.50 13.03 16.41
N ALA A 330 -13.78 12.60 15.36
CA ALA A 330 -13.05 13.41 14.37
C ALA A 330 -13.89 14.57 13.77
N VAL A 331 -15.07 14.26 13.20
CA VAL A 331 -15.97 15.24 12.56
C VAL A 331 -16.57 16.20 13.60
N ARG A 332 -17.08 15.67 14.73
CA ARG A 332 -17.66 16.44 15.82
C ARG A 332 -16.58 17.23 16.60
N ARG A 333 -15.30 16.79 16.52
CA ARG A 333 -14.14 17.46 17.11
C ARG A 333 -13.89 18.73 16.29
N ALA A 334 -13.90 18.57 14.94
CA ALA A 334 -13.73 19.62 13.94
C ALA A 334 -14.82 20.68 14.03
N ALA A 335 -16.05 20.27 14.41
CA ALA A 335 -17.17 21.19 14.60
C ALA A 335 -16.93 22.06 15.83
N LEU A 336 -16.33 21.49 16.89
CA LEU A 336 -15.99 22.23 18.11
C LEU A 336 -14.80 23.15 17.88
N ILE A 337 -13.82 22.71 17.05
CA ILE A 337 -12.63 23.49 16.68
C ILE A 337 -13.09 24.72 15.89
N ASN A 338 -14.08 24.53 14.97
CA ASN A 338 -14.70 25.57 14.14
C ASN A 338 -15.23 26.71 15.01
N MET A 339 -15.84 26.35 16.15
CA MET A 339 -16.40 27.28 17.13
C MET A 339 -15.32 28.10 17.83
N VAL A 340 -14.15 27.47 18.13
CA VAL A 340 -13.02 28.14 18.79
C VAL A 340 -12.39 29.14 17.81
N PHE A 341 -12.40 28.82 16.50
CA PHE A 341 -11.91 29.67 15.42
C PHE A 341 -12.83 30.88 15.18
N GLN A 342 -14.06 30.83 15.74
CA GLN A 342 -15.07 31.88 15.63
C GLN A 342 -15.39 32.66 16.91
N MET A 343 -15.55 31.95 18.04
CA MET A 343 -15.87 32.58 19.33
C MET A 343 -14.59 32.71 20.12
N GLY A 344 -13.87 31.60 20.27
CA GLY A 344 -12.65 31.52 21.06
C GLY A 344 -12.83 30.54 22.21
N GLU A 345 -11.72 30.14 22.85
CA GLU A 345 -11.69 29.19 23.97
C GLU A 345 -12.75 29.48 25.04
N THR A 346 -12.85 30.74 25.49
CA THR A 346 -13.82 31.19 26.49
C THR A 346 -15.23 31.20 25.91
N GLY A 347 -15.36 31.61 24.65
CA GLY A 347 -16.62 31.67 23.93
C GLY A 347 -17.34 30.34 23.83
N VAL A 348 -16.57 29.25 23.63
CA VAL A 348 -17.11 27.89 23.52
C VAL A 348 -17.40 27.33 24.91
N ALA A 349 -16.43 27.46 25.86
CA ALA A 349 -16.48 27.00 27.25
C ALA A 349 -17.73 27.47 28.00
N GLY A 350 -18.30 28.59 27.56
CA GLY A 350 -19.50 29.19 28.15
C GLY A 350 -20.77 28.38 27.99
N PHE A 351 -20.91 27.65 26.87
CA PHE A 351 -22.09 26.82 26.57
C PHE A 351 -22.16 25.56 27.47
N THR A 352 -22.38 25.78 28.77
CA THR A 352 -22.45 24.75 29.82
C THR A 352 -23.32 23.52 29.51
N ASN A 353 -24.65 23.73 29.27
CA ASN A 353 -25.62 22.66 28.98
C ASN A 353 -25.28 21.86 27.72
N SER A 354 -25.05 22.55 26.59
CA SER A 354 -24.71 21.97 25.29
C SER A 354 -23.40 21.17 25.31
N LEU A 355 -22.37 21.69 26.01
CA LEU A 355 -21.06 21.01 26.15
C LEU A 355 -21.22 19.71 26.93
N ARG A 356 -22.07 19.74 27.97
CA ARG A 356 -22.39 18.59 28.82
C ARG A 356 -23.18 17.57 27.98
N MET A 357 -24.11 18.06 27.14
CA MET A 357 -24.94 17.24 26.24
C MET A 357 -24.11 16.62 25.11
N LEU A 358 -23.05 17.31 24.67
CA LEU A 358 -22.14 16.80 23.64
C LEU A 358 -21.26 15.70 24.26
N GLN A 359 -20.83 15.91 25.52
CA GLN A 359 -20.01 14.99 26.29
C GLN A 359 -20.79 13.71 26.61
N GLN A 360 -22.11 13.84 26.86
CA GLN A 360 -23.02 12.73 27.19
C GLN A 360 -23.70 12.11 25.96
N LYS A 361 -23.20 12.44 24.74
CA LYS A 361 -23.71 11.93 23.45
C LYS A 361 -25.15 12.34 23.08
N ARG A 362 -25.79 13.20 23.90
CA ARG A 362 -27.14 13.71 23.68
C ARG A 362 -27.10 14.75 22.54
N TRP A 363 -27.04 14.27 21.28
CA TRP A 363 -26.91 15.11 20.07
C TRP A 363 -28.06 16.08 19.82
N ASP A 364 -29.30 15.57 19.62
CA ASP A 364 -30.49 16.39 19.35
C ASP A 364 -30.74 17.43 20.44
N GLU A 365 -30.48 17.07 21.72
CA GLU A 365 -30.63 17.96 22.87
C GLU A 365 -29.59 19.08 22.82
N ALA A 366 -28.33 18.75 22.45
CA ALA A 366 -27.23 19.71 22.33
C ALA A 366 -27.49 20.70 21.20
N ALA A 367 -27.96 20.21 20.03
CA ALA A 367 -28.27 21.01 18.85
C ALA A 367 -29.44 21.96 19.10
N VAL A 368 -30.51 21.48 19.77
CA VAL A 368 -31.69 22.28 20.10
C VAL A 368 -31.31 23.38 21.10
N ASN A 369 -30.49 23.04 22.11
CA ASN A 369 -30.00 23.96 23.14
C ASN A 369 -29.07 25.02 22.52
N LEU A 370 -28.17 24.61 21.60
CA LEU A 370 -27.25 25.51 20.90
C LEU A 370 -27.99 26.45 19.95
N ALA A 371 -29.14 26.01 19.39
CA ALA A 371 -29.97 26.82 18.50
C ALA A 371 -30.60 27.98 19.28
N LYS A 372 -30.88 27.78 20.58
CA LYS A 372 -31.42 28.81 21.48
C LYS A 372 -30.24 29.60 22.09
N SER A 373 -29.49 30.30 21.22
CA SER A 373 -28.31 31.08 21.65
C SER A 373 -28.07 32.37 20.86
N ARG A 374 -27.09 33.15 21.34
CA ARG A 374 -26.58 34.42 20.82
C ARG A 374 -25.96 34.24 19.43
N TRP A 375 -25.29 33.09 19.24
CA TRP A 375 -24.54 32.68 18.06
C TRP A 375 -25.42 32.26 16.87
N TYR A 376 -26.54 31.57 17.14
CA TYR A 376 -27.50 31.11 16.13
C TYR A 376 -28.17 32.28 15.39
N ASN A 377 -28.37 33.43 16.07
CA ASN A 377 -28.97 34.61 15.45
C ASN A 377 -27.90 35.62 14.98
N GLN A 378 -26.63 35.37 15.36
CA GLN A 378 -25.46 36.18 14.98
C GLN A 378 -25.02 35.74 13.59
N THR A 379 -24.85 34.42 13.38
CA THR A 379 -24.45 33.80 12.12
C THR A 379 -25.44 32.65 11.90
N PRO A 380 -26.63 32.93 11.29
CA PRO A 380 -27.65 31.87 11.16
C PRO A 380 -27.23 30.60 10.41
N ASN A 381 -26.56 30.77 9.25
CA ASN A 381 -26.15 29.66 8.39
C ASN A 381 -24.89 28.93 8.83
N ARG A 382 -23.88 29.64 9.41
CA ARG A 382 -22.66 29.00 9.94
C ARG A 382 -23.02 28.13 11.15
N ALA A 383 -23.88 28.65 12.06
CA ALA A 383 -24.36 27.91 13.23
C ALA A 383 -25.24 26.75 12.79
N LYS A 384 -26.12 26.97 11.78
CA LYS A 384 -27.01 25.95 11.21
C LYS A 384 -26.23 24.71 10.74
N ARG A 385 -25.10 24.94 10.04
CA ARG A 385 -24.22 23.90 9.53
C ARG A 385 -23.51 23.18 10.67
N VAL A 386 -22.91 23.95 11.61
CA VAL A 386 -22.18 23.42 12.77
C VAL A 386 -23.11 22.60 13.69
N ILE A 387 -24.29 23.16 14.02
CA ILE A 387 -25.29 22.48 14.84
C ILE A 387 -25.71 21.15 14.19
N THR A 388 -25.99 21.16 12.86
CA THR A 388 -26.39 19.96 12.12
C THR A 388 -25.23 18.94 11.97
N THR A 389 -23.97 19.43 12.04
CA THR A 389 -22.75 18.61 11.99
C THR A 389 -22.60 17.90 13.34
N PHE A 390 -22.88 18.62 14.45
CA PHE A 390 -22.87 18.06 15.81
C PHE A 390 -24.01 17.04 15.96
N ARG A 391 -25.17 17.34 15.33
CA ARG A 391 -26.39 16.53 15.33
C ARG A 391 -26.19 15.16 14.67
N THR A 392 -25.65 15.14 13.43
CA THR A 392 -25.44 13.90 12.66
C THR A 392 -24.05 13.29 12.81
N GLY A 393 -23.01 14.12 12.81
CA GLY A 393 -21.62 13.70 12.90
C GLY A 393 -21.00 13.45 11.55
N THR A 394 -21.64 13.96 10.47
CA THR A 394 -21.20 13.81 9.08
C THR A 394 -20.98 15.16 8.39
N TRP A 395 -20.39 15.11 7.18
CA TRP A 395 -20.13 16.29 6.35
C TRP A 395 -21.33 16.56 5.41
N ASP A 396 -22.53 16.06 5.80
CA ASP A 396 -23.79 16.21 5.05
C ASP A 396 -24.25 17.66 4.90
N ALA A 397 -23.70 18.57 5.73
CA ALA A 397 -23.96 20.01 5.70
C ALA A 397 -23.07 20.72 4.65
N TYR A 398 -22.29 19.93 3.87
CA TYR A 398 -21.39 20.42 2.82
C TYR A 398 -21.44 19.55 1.56
N LYS A 407 -19.66 7.72 9.85
CA LYS A 407 -18.70 6.62 9.84
C LYS A 407 -17.69 6.72 10.99
N ALA A 408 -17.87 5.89 12.04
CA ALA A 408 -17.02 5.88 13.23
C ALA A 408 -15.78 4.98 13.09
N LEU A 409 -14.59 5.61 13.20
CA LEU A 409 -13.28 4.95 13.11
C LEU A 409 -12.68 4.64 14.49
N LYS A 410 -13.15 5.33 15.54
CA LYS A 410 -12.69 5.18 16.94
C LYS A 410 -12.72 3.74 17.54
N PRO A 411 -13.75 2.87 17.32
CA PRO A 411 -13.68 1.53 17.94
C PRO A 411 -12.66 0.60 17.27
N THR A 412 -12.37 0.88 15.99
CA THR A 412 -11.39 0.18 15.17
C THR A 412 -9.99 0.38 15.75
N VAL A 413 -9.68 1.62 16.16
CA VAL A 413 -8.42 2.03 16.77
C VAL A 413 -8.20 1.24 18.08
N ILE A 414 -9.25 1.11 18.92
CA ILE A 414 -9.18 0.37 20.18
C ILE A 414 -8.88 -1.12 19.93
N LEU A 415 -9.65 -1.76 19.01
CA LEU A 415 -9.53 -3.18 18.62
C LEU A 415 -8.10 -3.58 18.23
N ILE A 416 -7.51 -2.82 17.27
CA ILE A 416 -6.15 -3.04 16.76
C ILE A 416 -5.11 -2.82 17.87
N LEU A 417 -5.20 -1.68 18.60
CA LEU A 417 -4.29 -1.36 19.70
C LEU A 417 -4.32 -2.39 20.83
N ALA A 418 -5.52 -2.91 21.17
CA ALA A 418 -5.67 -3.95 22.19
C ALA A 418 -5.03 -5.26 21.71
N PHE A 419 -5.22 -5.60 20.41
CA PHE A 419 -4.60 -6.78 19.77
C PHE A 419 -3.07 -6.66 19.81
N PHE A 420 -2.55 -5.45 19.50
CA PHE A 420 -1.13 -5.09 19.52
C PHE A 420 -0.60 -5.20 20.95
N ALA A 421 -1.38 -4.74 21.94
CA ALA A 421 -1.02 -4.80 23.35
C ALA A 421 -0.91 -6.24 23.86
N CYS A 422 -1.84 -7.12 23.42
CA CYS A 422 -1.90 -8.55 23.77
C CYS A 422 -0.64 -9.29 23.31
N TRP A 423 -0.26 -9.08 22.05
CA TRP A 423 0.90 -9.72 21.42
C TRP A 423 2.24 -9.05 21.71
N LEU A 424 2.27 -7.79 22.19
CA LEU A 424 3.49 -7.03 22.50
C LEU A 424 4.46 -7.73 23.49
N PRO A 425 4.02 -8.27 24.67
CA PRO A 425 5.00 -8.93 25.56
C PRO A 425 5.63 -10.18 24.94
N TYR A 426 4.86 -10.89 24.09
CA TYR A 426 5.31 -12.08 23.38
C TYR A 426 6.39 -11.68 22.38
N TYR A 427 6.20 -10.55 21.66
CA TYR A 427 7.16 -10.01 20.70
C TYR A 427 8.43 -9.57 21.43
N ILE A 428 8.26 -8.98 22.65
CA ILE A 428 9.36 -8.55 23.53
C ILE A 428 10.16 -9.81 23.95
N GLY A 429 9.46 -10.90 24.25
CA GLY A 429 10.03 -12.18 24.63
C GLY A 429 10.75 -12.89 23.51
N ILE A 430 10.03 -13.15 22.40
CA ILE A 430 10.52 -13.81 21.20
C ILE A 430 11.80 -13.19 20.63
N SER A 431 11.91 -11.83 20.68
CA SER A 431 13.09 -11.10 20.22
C SER A 431 14.31 -11.47 21.07
N ILE A 432 14.17 -11.50 22.43
CA ILE A 432 15.21 -11.88 23.39
C ILE A 432 15.72 -13.32 23.11
N ASP A 433 14.79 -14.25 22.77
CA ASP A 433 15.13 -15.63 22.42
C ASP A 433 15.93 -15.65 21.13
N SER A 434 15.59 -14.77 20.17
CA SER A 434 16.32 -14.65 18.92
C SER A 434 17.67 -13.93 19.18
N PHE A 435 17.72 -13.05 20.21
CA PHE A 435 18.93 -12.34 20.63
C PHE A 435 19.95 -13.32 21.24
N ILE A 436 19.47 -14.27 22.07
CA ILE A 436 20.35 -15.29 22.66
C ILE A 436 20.75 -16.35 21.60
N LEU A 437 19.87 -16.60 20.61
CA LEU A 437 20.11 -17.56 19.52
C LEU A 437 21.25 -17.10 18.61
N LEU A 438 21.35 -15.78 18.38
CA LEU A 438 22.40 -15.15 17.57
C LEU A 438 23.66 -14.91 18.41
N GLU A 439 23.62 -15.23 19.72
CA GLU A 439 24.70 -15.07 20.71
C GLU A 439 24.98 -13.57 20.98
N ILE A 440 23.94 -12.83 21.41
CA ILE A 440 24.04 -11.41 21.76
C ILE A 440 24.05 -11.23 23.29
N ILE A 441 23.23 -12.05 24.01
CA ILE A 441 23.18 -12.07 25.48
C ILE A 441 23.55 -13.49 25.98
N LYS A 442 24.04 -13.62 27.24
CA LYS A 442 24.44 -14.89 27.85
C LYS A 442 23.92 -15.02 29.29
N CYS A 445 22.76 -19.71 30.52
CA CYS A 445 21.91 -20.88 30.41
C CYS A 445 20.70 -20.81 31.35
N GLU A 446 20.90 -20.24 32.56
CA GLU A 446 19.85 -20.05 33.56
C GLU A 446 18.87 -19.00 33.04
N PHE A 447 19.39 -17.92 32.43
CA PHE A 447 18.63 -16.83 31.82
C PHE A 447 17.93 -17.33 30.57
N GLU A 448 18.54 -18.30 29.86
CA GLU A 448 18.02 -18.88 28.61
C GLU A 448 16.70 -19.64 28.86
N ASN A 449 16.69 -20.57 29.83
CA ASN A 449 15.50 -21.36 30.13
C ASN A 449 14.42 -20.58 30.86
N THR A 450 14.81 -19.55 31.65
CA THR A 450 13.86 -18.69 32.37
C THR A 450 13.12 -17.74 31.43
N VAL A 451 13.74 -17.39 30.28
CA VAL A 451 13.17 -16.54 29.23
C VAL A 451 12.10 -17.37 28.49
N HIS A 452 12.41 -18.65 28.22
CA HIS A 452 11.55 -19.65 27.58
C HIS A 452 10.22 -19.76 28.35
N LYS A 453 10.30 -19.69 29.71
CA LYS A 453 9.19 -19.73 30.67
C LYS A 453 8.20 -18.58 30.38
N TRP A 454 8.73 -17.33 30.27
CA TRP A 454 7.93 -16.14 29.97
C TRP A 454 7.27 -16.23 28.59
N ILE A 455 7.98 -16.81 27.60
CA ILE A 455 7.46 -17.02 26.23
C ILE A 455 6.22 -17.92 26.28
N SER A 456 6.23 -18.97 27.13
CA SER A 456 5.09 -19.89 27.32
C SER A 456 3.88 -19.14 27.88
N ILE A 457 4.09 -18.30 28.91
CA ILE A 457 3.00 -17.52 29.52
C ILE A 457 2.49 -16.34 28.69
N THR A 458 3.40 -15.62 27.99
CA THR A 458 3.04 -14.48 27.14
C THR A 458 2.27 -14.90 25.90
N GLU A 459 2.55 -16.11 25.37
CA GLU A 459 1.86 -16.67 24.21
C GLU A 459 0.42 -16.99 24.61
N ALA A 460 0.24 -17.46 25.86
CA ALA A 460 -1.06 -17.80 26.44
C ALA A 460 -1.79 -16.54 26.89
N LEU A 461 -1.08 -15.50 27.38
CA LEU A 461 -1.71 -14.25 27.76
C LEU A 461 -2.14 -13.47 26.50
N ALA A 462 -1.41 -13.67 25.37
CA ALA A 462 -1.68 -13.07 24.08
C ALA A 462 -2.94 -13.64 23.44
N PHE A 463 -3.33 -14.88 23.82
CA PHE A 463 -4.52 -15.57 23.34
C PHE A 463 -5.81 -14.85 23.71
N PHE A 464 -5.74 -13.91 24.69
CA PHE A 464 -6.85 -13.08 25.16
C PHE A 464 -7.47 -12.24 24.04
N HIS A 465 -6.75 -12.08 22.89
CA HIS A 465 -7.19 -11.34 21.70
C HIS A 465 -8.46 -11.96 21.11
N CYS A 466 -8.70 -13.25 21.37
CA CYS A 466 -9.87 -14.00 20.91
C CYS A 466 -11.12 -13.47 21.61
N CYS A 467 -11.08 -13.39 22.93
CA CYS A 467 -12.22 -12.91 23.71
C CYS A 467 -12.14 -11.41 23.94
N LEU A 468 -11.96 -10.66 22.86
CA LEU A 468 -11.88 -9.19 22.93
C LEU A 468 -12.80 -8.55 21.90
N ASN A 469 -12.90 -9.17 20.73
CA ASN A 469 -13.76 -8.67 19.67
C ASN A 469 -15.16 -8.70 20.35
N PRO A 470 -15.59 -9.80 21.03
CA PRO A 470 -16.89 -9.75 21.73
C PRO A 470 -16.92 -8.77 22.91
N ILE A 471 -15.76 -8.58 23.59
CA ILE A 471 -15.57 -7.67 24.72
C ILE A 471 -15.78 -6.21 24.25
N LEU A 472 -15.44 -5.91 22.98
CA LEU A 472 -15.65 -4.57 22.42
C LEU A 472 -17.03 -3.89 22.39
N TYR A 473 -18.05 -4.73 22.50
CA TYR A 473 -19.47 -4.40 22.55
C TYR A 473 -20.00 -3.97 23.95
N ALA A 474 -19.36 -2.92 24.49
CA ALA A 474 -19.64 -2.30 25.80
C ALA A 474 -20.00 -0.83 25.58
N ASN B 45 37.74 -21.59 -13.01
CA ASN B 45 38.94 -20.96 -13.58
C ASN B 45 38.59 -19.94 -14.67
N PHE B 46 37.62 -20.29 -15.54
CA PHE B 46 37.14 -19.45 -16.65
C PHE B 46 36.63 -18.08 -16.18
N ASN B 47 36.10 -18.01 -14.95
CA ASN B 47 35.58 -16.79 -14.31
C ASN B 47 36.67 -15.73 -14.02
N LYS B 48 37.97 -16.10 -14.19
CA LYS B 48 39.12 -15.20 -14.05
C LYS B 48 39.25 -14.37 -15.34
N ILE B 49 38.60 -14.83 -16.43
CA ILE B 49 38.56 -14.23 -17.77
C ILE B 49 37.17 -13.61 -18.03
N PHE B 50 36.09 -14.34 -17.65
CA PHE B 50 34.72 -13.90 -17.87
C PHE B 50 34.14 -12.86 -16.92
N LEU B 51 34.57 -12.84 -15.64
CA LEU B 51 34.09 -11.82 -14.71
C LEU B 51 34.68 -10.46 -15.04
N PRO B 52 36.02 -10.28 -15.26
CA PRO B 52 36.52 -8.94 -15.63
C PRO B 52 35.95 -8.42 -16.95
N THR B 53 35.55 -9.33 -17.86
CA THR B 53 34.91 -9.03 -19.16
C THR B 53 33.58 -8.32 -18.88
N ILE B 54 32.78 -8.91 -18.00
CA ILE B 54 31.47 -8.38 -17.61
C ILE B 54 31.64 -7.11 -16.77
N TYR B 55 32.68 -7.06 -15.91
CA TYR B 55 32.96 -5.87 -15.09
C TYR B 55 33.41 -4.69 -15.95
N SER B 56 34.37 -4.90 -16.88
CA SER B 56 34.92 -3.86 -17.76
C SER B 56 33.83 -3.15 -18.55
N ILE B 57 33.01 -3.92 -19.30
CA ILE B 57 31.91 -3.41 -20.12
C ILE B 57 30.99 -2.56 -19.25
N ILE B 58 30.46 -3.16 -18.16
CA ILE B 58 29.55 -2.52 -17.21
C ILE B 58 30.17 -1.28 -16.52
N PHE B 59 31.51 -1.24 -16.35
CA PHE B 59 32.21 -0.09 -15.77
C PHE B 59 32.18 1.08 -16.78
N LEU B 60 32.69 0.86 -18.00
CA LEU B 60 32.77 1.85 -19.07
C LEU B 60 31.38 2.36 -19.46
N THR B 61 30.43 1.44 -19.76
CA THR B 61 29.05 1.77 -20.13
C THR B 61 28.37 2.51 -18.98
N GLY B 62 28.63 2.07 -17.75
CA GLY B 62 28.08 2.64 -16.53
C GLY B 62 28.65 3.98 -16.11
N ILE B 63 29.96 4.18 -16.28
CA ILE B 63 30.59 5.44 -15.89
C ILE B 63 30.32 6.56 -16.89
N VAL B 64 30.42 6.25 -18.20
CA VAL B 64 30.18 7.19 -19.29
C VAL B 64 28.68 7.44 -19.35
N GLY B 65 27.89 6.38 -19.16
CA GLY B 65 26.43 6.43 -19.17
C GLY B 65 25.84 7.25 -18.06
N ASN B 66 25.97 6.80 -16.79
CA ASN B 66 25.42 7.47 -15.61
C ASN B 66 26.03 8.86 -15.39
N GLY B 67 27.30 9.01 -15.76
CA GLY B 67 28.03 10.27 -15.70
C GLY B 67 27.32 11.38 -16.45
N LEU B 68 26.89 11.09 -17.70
CA LEU B 68 26.15 12.02 -18.56
C LEU B 68 24.85 12.47 -17.89
N VAL B 69 24.05 11.50 -17.42
CA VAL B 69 22.75 11.68 -16.75
C VAL B 69 22.81 12.65 -15.56
N ILE B 70 23.86 12.54 -14.72
CA ILE B 70 24.07 13.41 -13.56
C ILE B 70 24.31 14.86 -14.03
N LEU B 71 25.30 15.08 -14.91
CA LEU B 71 25.63 16.40 -15.43
C LEU B 71 24.54 17.10 -16.27
N VAL B 72 23.54 16.33 -16.76
CA VAL B 72 22.41 16.87 -17.53
C VAL B 72 21.46 17.61 -16.57
N MET B 73 20.93 16.89 -15.54
CA MET B 73 20.04 17.51 -14.54
C MET B 73 20.69 17.83 -13.18
N GLY B 74 21.98 18.15 -13.23
CA GLY B 74 22.76 18.60 -12.09
C GLY B 74 22.47 20.07 -11.85
N TYR B 75 21.89 20.70 -12.89
CA TYR B 75 21.44 22.10 -12.94
C TYR B 75 20.20 22.23 -13.83
N ARG B 80 13.47 18.32 -15.62
CA ARG B 80 12.62 18.40 -14.43
C ARG B 80 11.22 17.89 -14.73
N SER B 81 11.01 16.60 -14.54
CA SER B 81 9.71 15.99 -14.78
C SER B 81 9.22 15.07 -13.67
N MET B 82 10.04 14.92 -12.62
CA MET B 82 9.65 14.13 -11.44
C MET B 82 9.77 12.60 -11.61
N THR B 83 9.92 12.15 -12.85
CA THR B 83 9.99 10.74 -13.17
C THR B 83 11.41 10.64 -13.64
N ASP B 84 11.99 11.82 -13.85
CA ASP B 84 13.39 11.95 -14.22
C ASP B 84 14.24 12.25 -12.99
N LYS B 85 13.72 13.11 -12.11
CA LYS B 85 14.43 13.46 -10.88
C LYS B 85 14.81 12.19 -10.08
N TYR B 86 13.92 11.16 -10.08
CA TYR B 86 14.22 9.87 -9.43
C TYR B 86 15.26 9.13 -10.26
N ARG B 87 15.20 9.30 -11.61
CA ARG B 87 16.14 8.71 -12.57
C ARG B 87 17.54 9.30 -12.37
N LEU B 88 17.63 10.50 -11.78
CA LEU B 88 18.87 11.17 -11.42
C LEU B 88 19.39 10.51 -10.14
N HIS B 89 18.47 10.15 -9.20
CA HIS B 89 18.81 9.47 -7.94
C HIS B 89 19.44 8.12 -8.24
N LEU B 90 18.94 7.42 -9.28
CA LEU B 90 19.44 6.13 -9.73
C LEU B 90 20.87 6.23 -10.26
N SER B 91 21.20 7.30 -11.02
CA SER B 91 22.54 7.50 -11.57
C SER B 91 23.59 7.75 -10.49
N VAL B 92 23.22 8.47 -9.41
CA VAL B 92 24.10 8.72 -8.25
C VAL B 92 24.34 7.38 -7.56
N ALA B 93 23.27 6.55 -7.46
CA ALA B 93 23.30 5.21 -6.87
C ALA B 93 24.12 4.22 -7.71
N ASP B 94 23.90 4.20 -9.04
CA ASP B 94 24.58 3.29 -9.97
C ASP B 94 26.02 3.65 -10.26
N LEU B 95 26.33 4.96 -10.44
CA LEU B 95 27.68 5.46 -10.72
C LEU B 95 28.64 5.11 -9.58
N LEU B 96 28.18 5.29 -8.32
CA LEU B 96 28.97 4.97 -7.14
C LEU B 96 29.33 3.48 -7.14
N PHE B 97 28.37 2.62 -7.55
CA PHE B 97 28.59 1.19 -7.67
C PHE B 97 29.55 0.87 -8.81
N VAL B 98 29.40 1.53 -9.99
CA VAL B 98 30.32 1.27 -11.11
C VAL B 98 31.76 1.66 -10.77
N ILE B 99 31.93 2.78 -10.00
CA ILE B 99 33.22 3.28 -9.48
C ILE B 99 33.98 2.20 -8.67
N THR B 100 33.26 1.26 -8.03
CA THR B 100 33.86 0.17 -7.25
C THR B 100 34.19 -1.06 -8.09
N LEU B 101 33.62 -1.17 -9.31
CA LEU B 101 33.86 -2.31 -10.20
C LEU B 101 35.33 -2.66 -10.57
N PRO B 102 36.34 -1.73 -10.60
CA PRO B 102 37.71 -2.18 -10.85
C PRO B 102 38.20 -3.08 -9.71
N PHE B 103 37.78 -2.78 -8.44
CA PHE B 103 38.13 -3.56 -7.24
C PHE B 103 37.62 -4.99 -7.36
N TRP B 104 36.41 -5.16 -7.91
CA TRP B 104 35.78 -6.45 -8.16
C TRP B 104 36.65 -7.26 -9.15
N ALA B 105 37.11 -6.59 -10.24
CA ALA B 105 37.94 -7.18 -11.29
C ALA B 105 39.31 -7.60 -10.77
N VAL B 106 40.02 -6.68 -10.07
CA VAL B 106 41.35 -6.94 -9.50
C VAL B 106 41.26 -8.15 -8.56
N ASP B 107 40.27 -8.16 -7.65
CA ASP B 107 40.02 -9.25 -6.70
C ASP B 107 39.42 -10.53 -7.33
N ALA B 108 39.06 -10.49 -8.62
CA ALA B 108 38.53 -11.65 -9.32
C ALA B 108 39.66 -12.27 -10.15
N VAL B 109 40.65 -11.45 -10.45
CA VAL B 109 41.75 -11.83 -11.28
C VAL B 109 42.84 -12.25 -10.34
N ALA B 110 43.23 -11.36 -9.45
CA ALA B 110 44.36 -11.65 -8.61
C ALA B 110 44.75 -11.72 -7.17
N ASN B 111 44.29 -10.69 -6.45
CA ASN B 111 44.46 -10.52 -4.99
C ASN B 111 43.63 -9.33 -4.48
N TRP B 112 43.53 -9.18 -3.16
CA TRP B 112 42.77 -8.10 -2.52
C TRP B 112 44.09 -7.46 -2.11
N TYR B 113 44.23 -6.17 -2.40
CA TYR B 113 45.45 -5.43 -2.08
C TYR B 113 45.03 -4.17 -1.31
N PHE B 114 43.75 -3.83 -1.39
CA PHE B 114 43.10 -2.60 -0.90
C PHE B 114 42.81 -2.43 0.60
N GLY B 115 43.32 -3.34 1.42
CA GLY B 115 43.17 -3.25 2.88
C GLY B 115 41.79 -3.50 3.43
N ASN B 116 41.68 -3.47 4.76
CA ASN B 116 40.44 -3.75 5.49
C ASN B 116 39.32 -2.73 5.34
N PHE B 117 39.65 -1.42 5.41
CA PHE B 117 38.68 -0.32 5.32
C PHE B 117 37.97 -0.28 3.98
N LEU B 118 38.75 -0.35 2.88
CA LEU B 118 38.21 -0.35 1.54
C LEU B 118 37.41 -1.61 1.23
N CYS B 119 37.63 -2.71 2.01
CA CYS B 119 36.86 -3.94 1.88
C CYS B 119 35.44 -3.69 2.37
N LYS B 120 35.31 -2.98 3.51
CA LYS B 120 34.04 -2.60 4.14
C LYS B 120 33.32 -1.62 3.23
N ALA B 121 34.03 -0.59 2.71
CA ALA B 121 33.48 0.44 1.82
C ALA B 121 32.86 -0.14 0.54
N VAL B 122 33.53 -1.12 -0.13
CA VAL B 122 32.95 -1.75 -1.33
C VAL B 122 31.68 -2.53 -1.00
N HIS B 123 31.65 -3.15 0.21
CA HIS B 123 30.49 -3.90 0.68
C HIS B 123 29.33 -2.97 0.96
N VAL B 124 29.60 -1.75 1.52
CA VAL B 124 28.54 -0.78 1.82
C VAL B 124 27.95 -0.16 0.56
N ILE B 125 28.81 0.20 -0.41
CA ILE B 125 28.41 0.80 -1.68
C ILE B 125 27.51 -0.17 -2.44
N TYR B 126 27.87 -1.47 -2.45
CA TYR B 126 27.08 -2.53 -3.08
C TYR B 126 25.71 -2.64 -2.42
N THR B 127 25.67 -2.65 -1.06
CA THR B 127 24.45 -2.73 -0.26
C THR B 127 23.53 -1.53 -0.51
N VAL B 128 24.08 -0.29 -0.42
CA VAL B 128 23.37 0.96 -0.69
C VAL B 128 22.72 0.87 -2.09
N ASN B 129 23.52 0.54 -3.14
CA ASN B 129 23.08 0.35 -4.52
C ASN B 129 21.97 -0.70 -4.65
N LEU B 130 22.11 -1.86 -3.96
CA LEU B 130 21.12 -2.94 -3.99
C LEU B 130 19.73 -2.48 -3.54
N TYR B 131 19.69 -1.72 -2.42
CA TYR B 131 18.44 -1.25 -1.82
C TYR B 131 17.88 0.05 -2.36
N SER B 132 18.74 1.03 -2.69
CA SER B 132 18.29 2.31 -3.24
C SER B 132 17.69 2.15 -4.65
N SER B 133 18.40 1.46 -5.58
CA SER B 133 17.95 1.22 -6.95
C SER B 133 16.54 0.67 -7.03
N VAL B 134 16.25 -0.42 -6.31
CA VAL B 134 14.94 -1.06 -6.29
C VAL B 134 13.86 -0.18 -5.61
N TRP B 135 14.25 0.57 -4.55
CA TRP B 135 13.32 1.44 -3.85
C TRP B 135 13.03 2.76 -4.54
N ILE B 136 13.93 3.20 -5.44
CA ILE B 136 13.74 4.38 -6.28
C ILE B 136 12.68 3.99 -7.32
N LEU B 137 12.78 2.76 -7.85
CA LEU B 137 11.82 2.20 -8.82
C LEU B 137 10.44 2.02 -8.20
N ALA B 138 10.39 1.75 -6.88
CA ALA B 138 9.15 1.63 -6.12
C ALA B 138 8.52 3.03 -6.05
N PHE B 139 9.33 4.05 -5.76
CA PHE B 139 8.94 5.46 -5.69
C PHE B 139 8.55 5.99 -7.07
N ILE B 140 9.14 5.40 -8.14
CA ILE B 140 8.84 5.71 -9.55
C ILE B 140 7.41 5.21 -9.83
N SER B 141 7.09 3.97 -9.37
CA SER B 141 5.79 3.32 -9.51
C SER B 141 4.76 4.07 -8.66
N LEU B 142 5.16 4.51 -7.45
CA LEU B 142 4.32 5.24 -6.51
C LEU B 142 3.91 6.60 -7.09
N ASP B 143 4.86 7.31 -7.75
CA ASP B 143 4.66 8.61 -8.39
C ASP B 143 3.67 8.51 -9.55
N ARG B 144 3.81 7.46 -10.39
CA ARG B 144 2.95 7.23 -11.54
C ARG B 144 1.52 6.91 -11.11
N TYR B 145 1.35 6.18 -10.00
CA TYR B 145 0.06 5.84 -9.40
C TYR B 145 -0.63 7.13 -8.98
N LEU B 146 0.10 8.04 -8.32
CA LEU B 146 -0.42 9.33 -7.87
C LEU B 146 -0.67 10.29 -9.05
N ALA B 147 0.04 10.08 -10.18
CA ALA B 147 -0.11 10.90 -11.40
C ALA B 147 -1.22 10.43 -12.32
N ILE B 148 -1.61 9.14 -12.21
CA ILE B 148 -2.64 8.54 -13.06
C ILE B 148 -3.97 8.33 -12.32
N VAL B 149 -3.93 7.73 -11.13
CA VAL B 149 -5.12 7.46 -10.31
C VAL B 149 -5.63 8.59 -9.42
N HIS B 150 -4.75 9.52 -9.05
CA HIS B 150 -5.09 10.65 -8.18
C HIS B 150 -4.45 11.85 -8.89
N ALA B 151 -4.92 12.14 -10.11
CA ALA B 151 -4.44 13.23 -10.97
C ALA B 151 -4.81 14.60 -10.39
N THR B 152 -5.85 14.65 -9.54
CA THR B 152 -6.34 15.86 -8.89
C THR B 152 -6.47 15.70 -7.35
N ASN B 153 -7.10 14.59 -6.87
CA ASN B 153 -7.35 14.27 -5.46
C ASN B 153 -6.13 14.51 -4.58
N SER B 154 -4.99 13.92 -4.96
CA SER B 154 -3.70 14.10 -4.32
C SER B 154 -2.79 14.64 -5.43
N GLN B 155 -3.00 15.94 -5.74
CA GLN B 155 -2.30 16.69 -6.79
C GLN B 155 -0.75 16.70 -6.70
N ARG B 156 -0.18 17.37 -5.68
CA ARG B 156 1.27 17.46 -5.53
C ARG B 156 1.92 16.90 -4.24
N PRO B 157 1.50 15.74 -3.66
CA PRO B 157 2.28 15.17 -2.54
C PRO B 157 3.55 14.51 -3.09
N ARG B 158 3.58 14.37 -4.43
CA ARG B 158 4.64 13.86 -5.28
C ARG B 158 5.80 14.84 -5.22
N LYS B 159 5.49 16.15 -5.15
CA LYS B 159 6.46 17.25 -5.05
C LYS B 159 7.23 17.13 -3.73
N LEU B 160 6.59 16.53 -2.71
CA LEU B 160 7.20 16.27 -1.40
C LEU B 160 7.90 14.92 -1.45
N LEU B 161 7.20 13.87 -1.91
CA LEU B 161 7.70 12.49 -2.06
C LEU B 161 9.03 12.37 -2.80
N ALA B 162 9.24 13.20 -3.84
CA ALA B 162 10.46 13.24 -4.65
C ALA B 162 11.52 14.18 -4.07
N GLU B 163 11.11 15.08 -3.15
CA GLU B 163 12.02 16.08 -2.55
C GLU B 163 12.35 15.68 -1.09
N LYS B 164 11.35 15.22 -0.31
CA LYS B 164 11.53 14.81 1.09
C LYS B 164 11.49 13.34 1.52
N VAL B 165 10.45 12.60 1.08
CA VAL B 165 10.23 11.19 1.43
C VAL B 165 11.33 10.28 0.90
N VAL B 166 11.89 10.60 -0.29
CA VAL B 166 12.97 9.85 -0.94
C VAL B 166 14.24 9.71 -0.07
N TYR B 167 14.61 10.75 0.70
CA TYR B 167 15.80 10.74 1.55
C TYR B 167 15.55 10.00 2.87
N VAL B 168 14.33 10.13 3.43
CA VAL B 168 13.93 9.47 4.69
C VAL B 168 13.52 7.98 4.49
N GLY B 169 13.09 7.66 3.26
CA GLY B 169 12.65 6.33 2.88
C GLY B 169 13.45 5.41 1.97
N VAL B 170 14.26 6.00 1.07
CA VAL B 170 15.10 5.25 0.14
C VAL B 170 16.55 5.34 0.61
N TRP B 171 17.11 6.57 0.72
CA TRP B 171 18.50 6.81 1.10
C TRP B 171 18.90 6.45 2.53
N ILE B 172 18.28 7.10 3.54
CA ILE B 172 18.56 6.84 4.96
C ILE B 172 18.34 5.36 5.38
N PRO B 173 17.18 4.70 5.12
CA PRO B 173 17.03 3.28 5.51
C PRO B 173 18.00 2.31 4.83
N ALA B 174 18.51 2.65 3.62
CA ALA B 174 19.49 1.82 2.90
C ALA B 174 20.88 2.02 3.50
N LEU B 175 21.22 3.29 3.83
CA LEU B 175 22.51 3.64 4.46
C LEU B 175 22.57 3.20 5.93
N LEU B 176 21.41 2.94 6.56
CA LEU B 176 21.34 2.43 7.92
C LEU B 176 21.32 0.89 7.90
N LEU B 177 21.10 0.31 6.70
CA LEU B 177 21.08 -1.14 6.46
C LEU B 177 22.48 -1.58 5.99
N THR B 178 23.38 -0.60 5.87
CA THR B 178 24.77 -0.75 5.49
C THR B 178 25.63 -1.16 6.71
N ILE B 179 25.09 -0.91 7.93
CA ILE B 179 25.68 -1.21 9.23
C ILE B 179 26.15 -2.69 9.37
N PRO B 180 25.32 -3.75 9.16
CA PRO B 180 25.84 -5.14 9.26
C PRO B 180 27.04 -5.42 8.37
N ASP B 181 27.06 -4.86 7.14
CA ASP B 181 28.16 -5.00 6.18
C ASP B 181 29.40 -4.25 6.67
N PHE B 182 29.20 -3.10 7.37
CA PHE B 182 30.28 -2.28 7.93
C PHE B 182 31.03 -3.03 9.04
N ILE B 183 30.31 -3.85 9.81
CA ILE B 183 30.84 -4.63 10.93
C ILE B 183 31.48 -5.95 10.46
N PHE B 184 30.70 -6.80 9.74
CA PHE B 184 31.10 -8.14 9.34
C PHE B 184 32.04 -8.35 8.15
N ALA B 185 32.20 -7.35 7.27
CA ALA B 185 33.14 -7.47 6.13
C ALA B 185 34.55 -7.16 6.61
N ASN B 186 35.50 -8.07 6.34
CA ASN B 186 36.90 -7.96 6.76
C ASN B 186 37.82 -8.71 5.81
N VAL B 187 39.13 -8.41 5.87
CA VAL B 187 40.16 -9.04 5.04
C VAL B 187 40.77 -10.27 5.73
N SER B 188 40.54 -11.45 5.12
CA SER B 188 41.06 -12.74 5.56
C SER B 188 42.47 -12.89 5.00
N GLU B 189 43.47 -12.93 5.90
CA GLU B 189 44.89 -13.08 5.55
C GLU B 189 45.20 -14.54 5.22
N ALA B 190 44.59 -15.07 4.13
CA ALA B 190 44.77 -16.46 3.71
C ALA B 190 46.16 -16.71 3.10
N ASP B 191 46.59 -17.99 3.07
CA ASP B 191 47.91 -18.46 2.64
C ASP B 191 48.52 -17.87 1.37
N ASP B 192 47.84 -17.99 0.22
CA ASP B 192 48.33 -17.54 -1.08
C ASP B 192 47.70 -16.25 -1.61
N ARG B 193 46.66 -15.74 -0.92
CA ARG B 193 45.90 -14.57 -1.34
C ARG B 193 45.08 -14.02 -0.15
N TYR B 194 44.76 -12.72 -0.19
CA TYR B 194 43.93 -12.07 0.82
C TYR B 194 42.50 -12.07 0.27
N ILE B 195 41.54 -12.49 1.11
CA ILE B 195 40.12 -12.56 0.75
C ILE B 195 39.36 -11.43 1.43
N CYS B 196 38.51 -10.75 0.69
CA CYS B 196 37.65 -9.71 1.24
C CYS B 196 36.21 -10.17 1.14
N ASP B 197 35.54 -10.28 2.30
CA ASP B 197 34.12 -10.62 2.48
C ASP B 197 33.62 -10.60 3.92
N ARG B 198 32.33 -10.87 4.11
CA ARG B 198 31.68 -10.86 5.41
C ARG B 198 31.84 -12.19 6.13
N PHE B 199 32.23 -12.14 7.40
CA PHE B 199 32.38 -13.33 8.22
C PHE B 199 31.54 -13.13 9.46
N TYR B 200 30.43 -13.86 9.53
CA TYR B 200 29.43 -13.80 10.60
C TYR B 200 29.76 -14.82 11.69
N PRO B 201 29.22 -14.68 12.94
CA PRO B 201 29.53 -15.66 14.00
C PRO B 201 29.02 -17.08 13.76
N ASN B 202 27.72 -17.22 13.41
CA ASN B 202 27.10 -18.52 13.15
C ASN B 202 26.34 -18.50 11.82
N ASP B 203 25.85 -19.67 11.36
CA ASP B 203 25.10 -19.78 10.11
C ASP B 203 23.71 -19.14 10.21
N LEU B 204 23.24 -18.89 11.46
CA LEU B 204 21.95 -18.24 11.75
C LEU B 204 22.01 -16.79 11.28
N TRP B 205 23.11 -16.05 11.62
CA TRP B 205 23.34 -14.66 11.24
C TRP B 205 23.24 -14.49 9.73
N VAL B 206 23.79 -15.48 8.98
CA VAL B 206 23.77 -15.56 7.52
C VAL B 206 22.31 -15.58 7.04
N VAL B 207 21.49 -16.52 7.58
CA VAL B 207 20.07 -16.70 7.25
C VAL B 207 19.25 -15.43 7.55
N VAL B 208 19.43 -14.82 8.74
CA VAL B 208 18.74 -13.58 9.17
C VAL B 208 18.93 -12.47 8.13
N PHE B 209 20.18 -12.18 7.75
CA PHE B 209 20.47 -11.15 6.75
C PHE B 209 20.19 -11.58 5.33
N GLN B 210 20.53 -12.84 4.96
CA GLN B 210 20.28 -13.34 3.60
C GLN B 210 18.79 -13.57 3.28
N PHE B 211 17.89 -13.31 4.25
CA PHE B 211 16.44 -13.36 4.09
C PHE B 211 15.83 -11.96 4.24
N GLN B 212 16.51 -11.09 5.02
CA GLN B 212 16.18 -9.67 5.22
C GLN B 212 16.38 -8.99 3.87
N HIS B 213 17.42 -9.42 3.14
CA HIS B 213 17.82 -9.00 1.80
C HIS B 213 16.70 -9.23 0.78
N ILE B 214 15.95 -10.34 0.91
CA ILE B 214 14.84 -10.73 0.03
C ILE B 214 13.57 -9.92 0.39
N MET B 215 13.49 -9.41 1.62
CA MET B 215 12.30 -8.64 2.00
C MET B 215 12.38 -7.18 1.60
N VAL B 216 13.28 -6.41 2.20
CA VAL B 216 13.41 -4.99 1.86
C VAL B 216 13.95 -4.73 0.44
N GLY B 217 14.51 -5.77 -0.17
CA GLY B 217 15.10 -5.72 -1.50
C GLY B 217 14.27 -6.28 -2.64
N LEU B 218 13.49 -7.36 -2.37
CA LEU B 218 12.62 -7.98 -3.39
C LEU B 218 11.10 -8.08 -3.16
N ILE B 219 10.67 -8.56 -1.97
CA ILE B 219 9.25 -8.78 -1.60
C ILE B 219 8.56 -7.44 -1.37
N LEU B 220 9.07 -6.61 -0.43
CA LEU B 220 8.50 -5.29 -0.14
C LEU B 220 8.49 -4.32 -1.35
N PRO B 221 9.61 -4.06 -2.08
CA PRO B 221 9.52 -3.15 -3.24
C PRO B 221 8.70 -3.72 -4.40
N GLY B 222 8.78 -5.03 -4.61
CA GLY B 222 8.03 -5.74 -5.64
C GLY B 222 6.54 -5.71 -5.41
N ILE B 223 6.12 -5.87 -4.13
CA ILE B 223 4.72 -5.82 -3.70
C ILE B 223 4.13 -4.43 -3.97
N VAL B 224 4.93 -3.37 -3.77
CA VAL B 224 4.53 -1.98 -4.04
C VAL B 224 4.38 -1.80 -5.57
N ILE B 225 5.45 -2.11 -6.35
CA ILE B 225 5.53 -2.02 -7.82
C ILE B 225 4.35 -2.73 -8.52
N LEU B 226 4.11 -4.01 -8.16
CA LEU B 226 3.04 -4.82 -8.74
C LEU B 226 1.65 -4.28 -8.43
N SER B 227 1.42 -3.81 -7.18
CA SER B 227 0.12 -3.25 -6.76
C SER B 227 -0.13 -1.92 -7.47
N CYS B 228 0.90 -1.04 -7.56
CA CYS B 228 0.82 0.24 -8.27
C CYS B 228 0.40 0.00 -9.71
N TYR B 229 1.09 -0.92 -10.41
CA TYR B 229 0.81 -1.33 -11.79
C TYR B 229 -0.61 -1.88 -11.93
N CYS B 230 -1.06 -2.72 -10.97
CA CYS B 230 -2.40 -3.33 -10.94
C CYS B 230 -3.52 -2.29 -10.81
N ILE B 231 -3.28 -1.20 -10.07
CA ILE B 231 -4.24 -0.10 -9.87
C ILE B 231 -4.22 0.88 -11.06
N ILE B 232 -3.01 1.17 -11.62
CA ILE B 232 -2.85 2.03 -12.81
C ILE B 232 -3.58 1.37 -13.97
N ILE B 233 -3.31 0.07 -14.21
CA ILE B 233 -3.95 -0.73 -15.26
C ILE B 233 -5.48 -0.81 -15.11
N SER B 234 -5.98 -0.59 -13.87
CA SER B 234 -7.41 -0.60 -13.57
C SER B 234 -8.01 0.79 -13.81
N LYS B 235 -7.31 1.87 -13.38
CA LYS B 235 -7.78 3.25 -13.58
C LYS B 235 -7.83 3.65 -15.05
N LEU B 236 -6.74 3.41 -15.82
CA LEU B 236 -6.76 3.75 -17.25
C LEU B 236 -7.74 2.90 -18.06
N SER B 237 -8.02 1.66 -17.60
CA SER B 237 -9.00 0.78 -18.22
C SER B 237 -10.41 1.15 -17.74
N HIS B 238 -10.51 1.98 -16.66
CA HIS B 238 -11.80 2.48 -16.14
C HIS B 238 -12.43 3.58 -17.01
N ASN B 239 -11.40 4.71 -17.20
CA ASN B 239 -11.11 5.97 -17.89
C ASN B 239 -11.68 5.94 -19.31
N ILE B 240 -11.53 4.78 -20.00
CA ILE B 240 -12.08 4.48 -21.33
C ILE B 240 -13.62 4.33 -21.25
N PHE B 241 -14.12 3.82 -20.10
CA PHE B 241 -15.54 3.67 -19.76
C PHE B 241 -16.15 5.06 -19.74
N GLU B 242 -15.57 5.98 -18.95
CA GLU B 242 -16.00 7.38 -18.84
C GLU B 242 -16.03 8.08 -20.21
N MET B 243 -15.03 7.79 -21.07
CA MET B 243 -14.93 8.34 -22.43
C MET B 243 -16.15 7.93 -23.25
N LEU B 244 -16.38 6.61 -23.39
CA LEU B 244 -17.49 6.02 -24.12
C LEU B 244 -18.84 6.31 -23.46
N ARG B 245 -18.86 6.53 -22.13
CA ARG B 245 -20.05 6.89 -21.36
C ARG B 245 -20.52 8.27 -21.82
N ILE B 246 -19.58 9.20 -22.08
CA ILE B 246 -19.86 10.55 -22.56
C ILE B 246 -20.25 10.49 -24.04
N ASP B 247 -19.67 9.55 -24.80
CA ASP B 247 -19.96 9.38 -26.22
C ASP B 247 -21.06 8.42 -26.73
N GLU B 248 -21.07 7.17 -26.24
CA GLU B 248 -22.05 6.15 -26.66
C GLU B 248 -23.14 6.00 -25.59
N GLY B 249 -23.00 6.68 -24.45
CA GLY B 249 -23.98 6.69 -23.35
C GLY B 249 -24.16 5.40 -22.58
N LEU B 250 -24.39 5.52 -21.26
CA LEU B 250 -24.61 4.38 -20.36
C LEU B 250 -26.06 4.31 -19.87
N ARG B 251 -26.66 3.10 -19.94
CA ARG B 251 -28.02 2.79 -19.50
C ARG B 251 -28.17 1.31 -19.14
N LEU B 252 -29.19 0.96 -18.33
CA LEU B 252 -29.45 -0.43 -17.90
C LEU B 252 -30.78 -0.99 -18.46
N LYS B 253 -31.41 -0.24 -19.36
CA LYS B 253 -32.66 -0.66 -19.97
C LYS B 253 -32.30 -0.83 -21.44
N ILE B 254 -33.32 -1.05 -22.26
CA ILE B 254 -33.10 -1.23 -23.70
C ILE B 254 -33.53 -0.16 -24.69
N TYR B 255 -33.22 -0.38 -25.96
CA TYR B 255 -33.58 0.60 -27.03
C TYR B 255 -33.87 -0.08 -28.37
N LYS B 256 -34.10 0.64 -29.48
CA LYS B 256 -34.36 -0.16 -30.64
C LYS B 256 -34.00 0.74 -31.84
N ASP B 257 -33.83 0.09 -32.99
CA ASP B 257 -33.68 0.72 -34.28
C ASP B 257 -34.76 0.06 -35.13
N TYR B 261 -32.80 -3.43 -33.12
CA TYR B 261 -31.48 -3.27 -32.52
C TYR B 261 -31.68 -3.04 -31.02
N TYR B 262 -31.60 -4.13 -30.23
CA TYR B 262 -31.75 -4.08 -28.77
C TYR B 262 -30.33 -3.86 -28.20
N THR B 263 -30.15 -2.80 -27.38
CA THR B 263 -28.85 -2.43 -26.81
C THR B 263 -28.89 -2.25 -25.27
N ILE B 264 -27.76 -2.60 -24.60
CA ILE B 264 -27.56 -2.50 -23.15
C ILE B 264 -26.19 -1.82 -22.86
N GLY B 265 -26.02 -1.35 -21.62
CA GLY B 265 -24.80 -0.73 -21.11
C GLY B 265 -24.32 0.47 -21.89
N ILE B 266 -23.06 0.40 -22.35
CA ILE B 266 -22.39 1.45 -23.12
C ILE B 266 -22.37 0.84 -24.52
N GLY B 267 -23.36 1.24 -25.32
CA GLY B 267 -23.53 0.81 -26.70
C GLY B 267 -23.27 -0.63 -27.07
N HIS B 268 -23.64 -1.57 -26.17
CA HIS B 268 -23.46 -3.01 -26.40
C HIS B 268 -24.71 -3.62 -27.06
N LEU B 269 -24.62 -3.91 -28.36
CA LEU B 269 -25.71 -4.50 -29.13
C LEU B 269 -25.96 -5.94 -28.68
N LEU B 270 -27.15 -6.20 -28.14
CA LEU B 270 -27.54 -7.53 -27.66
C LEU B 270 -27.82 -8.46 -28.85
N THR B 271 -28.81 -8.11 -29.69
CA THR B 271 -29.21 -8.88 -30.88
C THR B 271 -29.72 -7.98 -32.01
N LYS B 272 -29.44 -8.39 -33.27
CA LYS B 272 -29.88 -7.70 -34.47
C LYS B 272 -31.30 -8.16 -34.84
N SER B 273 -31.76 -9.26 -34.19
CA SER B 273 -33.09 -9.84 -34.38
C SER B 273 -34.14 -9.04 -33.58
N PRO B 274 -35.34 -8.80 -34.15
CA PRO B 274 -36.36 -8.02 -33.41
C PRO B 274 -37.18 -8.85 -32.42
N SER B 275 -36.49 -9.45 -31.43
CA SER B 275 -37.12 -10.28 -30.39
C SER B 275 -36.48 -10.03 -29.02
N LEU B 276 -37.29 -9.55 -28.05
CA LEU B 276 -36.85 -9.24 -26.69
C LEU B 276 -36.46 -10.50 -25.91
N ASN B 277 -37.10 -11.65 -26.23
CA ASN B 277 -36.80 -12.95 -25.63
C ASN B 277 -35.34 -13.30 -25.92
N ALA B 278 -34.85 -12.96 -27.14
CA ALA B 278 -33.48 -13.17 -27.58
C ALA B 278 -32.55 -12.10 -26.98
N ALA B 279 -33.06 -10.87 -26.77
CA ALA B 279 -32.33 -9.75 -26.16
C ALA B 279 -32.02 -10.06 -24.69
N LYS B 280 -32.98 -10.71 -23.99
CA LYS B 280 -32.83 -11.14 -22.61
C LYS B 280 -31.90 -12.36 -22.58
N SER B 281 -32.09 -13.32 -23.52
CA SER B 281 -31.28 -14.54 -23.67
C SER B 281 -29.80 -14.21 -23.91
N GLU B 282 -29.53 -13.15 -24.68
CA GLU B 282 -28.17 -12.69 -24.95
C GLU B 282 -27.58 -12.01 -23.71
N LEU B 283 -28.43 -11.28 -22.97
CA LEU B 283 -28.06 -10.58 -21.73
C LEU B 283 -27.78 -11.57 -20.61
N ASP B 284 -28.69 -12.56 -20.40
CA ASP B 284 -28.55 -13.62 -19.39
C ASP B 284 -27.22 -14.36 -19.54
N LYS B 285 -26.84 -14.71 -20.79
CA LYS B 285 -25.61 -15.42 -21.12
C LYS B 285 -24.36 -14.54 -21.15
N ALA B 286 -24.53 -13.20 -21.31
CA ALA B 286 -23.43 -12.23 -21.35
C ALA B 286 -22.70 -12.15 -20.00
N ILE B 287 -23.48 -12.15 -18.89
CA ILE B 287 -22.93 -12.07 -17.54
C ILE B 287 -23.21 -13.33 -16.69
N GLY B 288 -23.60 -14.42 -17.36
CA GLY B 288 -23.88 -15.72 -16.73
C GLY B 288 -25.16 -15.80 -15.92
N ARG B 289 -25.30 -14.92 -14.91
CA ARG B 289 -26.46 -14.85 -14.01
C ARG B 289 -27.76 -14.43 -14.70
N ASN B 290 -28.93 -14.72 -14.07
CA ASN B 290 -30.25 -14.33 -14.58
C ASN B 290 -30.41 -12.81 -14.48
N THR B 291 -30.83 -12.18 -15.59
CA THR B 291 -30.94 -10.72 -15.67
C THR B 291 -32.35 -10.12 -15.61
N ASN B 292 -33.31 -10.68 -16.33
CA ASN B 292 -34.65 -10.11 -16.38
C ASN B 292 -34.69 -8.74 -17.08
N GLY B 293 -33.68 -8.49 -17.91
CA GLY B 293 -33.55 -7.25 -18.67
C GLY B 293 -32.80 -6.09 -18.05
N VAL B 294 -32.42 -6.21 -16.77
CA VAL B 294 -31.72 -5.17 -16.01
C VAL B 294 -30.31 -5.61 -15.53
N ILE B 295 -29.37 -4.65 -15.48
CA ILE B 295 -27.98 -4.81 -15.03
C ILE B 295 -27.55 -3.64 -14.12
N THR B 296 -26.39 -3.77 -13.43
CA THR B 296 -25.85 -2.74 -12.53
C THR B 296 -24.73 -1.94 -13.24
N LYS B 297 -24.46 -0.70 -12.77
CA LYS B 297 -23.42 0.20 -13.30
C LYS B 297 -22.05 -0.48 -13.24
N ASP B 298 -21.75 -1.16 -12.10
CA ASP B 298 -20.50 -1.89 -11.90
C ASP B 298 -20.48 -3.14 -12.76
N GLU B 299 -21.65 -3.78 -12.95
CA GLU B 299 -21.84 -4.97 -13.78
C GLU B 299 -21.69 -4.62 -15.27
N ALA B 300 -22.03 -3.36 -15.65
CA ALA B 300 -21.93 -2.84 -17.02
C ALA B 300 -20.48 -2.72 -17.46
N GLU B 301 -19.55 -2.44 -16.50
CA GLU B 301 -18.10 -2.32 -16.72
C GLU B 301 -17.55 -3.66 -17.22
N LYS B 302 -18.02 -4.78 -16.61
CA LYS B 302 -17.62 -6.15 -16.95
C LYS B 302 -17.90 -6.44 -18.43
N LEU B 303 -19.07 -5.99 -18.93
CA LEU B 303 -19.49 -6.13 -20.33
C LEU B 303 -18.66 -5.22 -21.24
N PHE B 304 -18.33 -4.01 -20.74
CA PHE B 304 -17.57 -3.01 -21.47
C PHE B 304 -16.13 -3.45 -21.65
N ASN B 305 -15.51 -4.00 -20.58
CA ASN B 305 -14.14 -4.52 -20.61
C ASN B 305 -14.04 -5.65 -21.60
N GLN B 306 -15.09 -6.51 -21.66
CA GLN B 306 -15.23 -7.63 -22.62
C GLN B 306 -15.27 -7.06 -24.04
N ASP B 307 -16.00 -5.93 -24.24
CA ASP B 307 -16.13 -5.24 -25.52
C ASP B 307 -14.82 -4.55 -25.95
N VAL B 308 -14.07 -3.97 -24.99
CA VAL B 308 -12.80 -3.29 -25.27
C VAL B 308 -11.72 -4.31 -25.60
N ASP B 309 -11.56 -5.34 -24.73
CA ASP B 309 -10.57 -6.41 -24.90
C ASP B 309 -10.73 -7.18 -26.22
N ALA B 310 -11.99 -7.41 -26.65
CA ALA B 310 -12.29 -8.09 -27.92
C ALA B 310 -11.96 -7.17 -29.10
N ALA B 311 -12.11 -5.83 -28.91
CA ALA B 311 -11.79 -4.84 -29.94
C ALA B 311 -10.28 -4.73 -30.12
N VAL B 312 -9.51 -4.81 -29.00
CA VAL B 312 -8.04 -4.79 -28.98
C VAL B 312 -7.53 -6.08 -29.63
N ARG B 313 -8.24 -7.22 -29.40
CA ARG B 313 -7.97 -8.52 -30.02
C ARG B 313 -8.20 -8.43 -31.54
N GLY B 314 -9.09 -7.53 -31.96
CA GLY B 314 -9.37 -7.26 -33.36
C GLY B 314 -8.25 -6.47 -34.01
N ILE B 315 -7.87 -5.34 -33.35
CA ILE B 315 -6.80 -4.42 -33.76
C ILE B 315 -5.45 -5.16 -33.85
N LEU B 316 -5.10 -5.95 -32.81
CA LEU B 316 -3.84 -6.72 -32.74
C LEU B 316 -3.77 -7.92 -33.69
N ARG B 317 -4.85 -8.18 -34.45
CA ARG B 317 -4.96 -9.22 -35.47
C ARG B 317 -5.25 -8.58 -36.83
N ASN B 318 -4.96 -7.26 -36.95
CA ASN B 318 -5.15 -6.44 -38.14
C ASN B 318 -3.81 -5.79 -38.50
N ALA B 319 -3.29 -6.07 -39.71
CA ALA B 319 -2.00 -5.58 -40.24
C ALA B 319 -1.84 -4.06 -40.33
N LYS B 320 -2.95 -3.33 -40.57
CA LYS B 320 -2.94 -1.87 -40.71
C LYS B 320 -3.04 -1.13 -39.38
N LEU B 321 -3.75 -1.71 -38.41
CA LEU B 321 -3.99 -1.10 -37.10
C LEU B 321 -3.03 -1.49 -35.97
N LYS B 322 -2.48 -2.72 -36.00
CA LYS B 322 -1.51 -3.23 -35.01
C LYS B 322 -0.26 -2.33 -34.84
N PRO B 323 0.46 -1.86 -35.90
CA PRO B 323 1.64 -0.98 -35.67
C PRO B 323 1.28 0.39 -35.11
N VAL B 324 0.06 0.86 -35.41
CA VAL B 324 -0.46 2.15 -34.96
C VAL B 324 -0.81 2.09 -33.46
N TYR B 325 -1.52 1.02 -33.01
CA TYR B 325 -1.94 0.80 -31.62
C TYR B 325 -0.75 0.60 -30.67
N ASP B 326 0.25 -0.21 -31.09
CA ASP B 326 1.45 -0.48 -30.31
C ASP B 326 2.27 0.78 -30.06
N SER B 327 2.34 1.68 -31.06
CA SER B 327 3.07 2.94 -31.00
C SER B 327 2.40 4.02 -30.15
N LEU B 328 1.07 3.93 -29.97
CA LEU B 328 0.29 4.90 -29.21
C LEU B 328 0.29 4.66 -27.71
N ASP B 329 0.13 5.76 -26.94
CA ASP B 329 0.06 5.80 -25.48
C ASP B 329 -1.36 5.44 -25.00
N ALA B 330 -1.51 5.16 -23.69
CA ALA B 330 -2.76 4.77 -23.02
C ALA B 330 -4.00 5.61 -23.39
N VAL B 331 -3.87 6.96 -23.38
CA VAL B 331 -4.95 7.91 -23.69
C VAL B 331 -5.29 7.85 -25.17
N ARG B 332 -4.27 7.94 -26.04
CA ARG B 332 -4.40 7.90 -27.50
C ARG B 332 -4.85 6.53 -28.04
N ARG B 333 -4.58 5.44 -27.28
CA ARG B 333 -4.99 4.07 -27.60
C ARG B 333 -6.50 3.97 -27.45
N ALA B 334 -7.05 4.57 -26.36
CA ALA B 334 -8.48 4.63 -26.05
C ALA B 334 -9.28 5.39 -27.11
N ALA B 335 -8.66 6.42 -27.75
CA ALA B 335 -9.28 7.22 -28.80
C ALA B 335 -9.45 6.41 -30.07
N LEU B 336 -8.46 5.55 -30.37
CA LEU B 336 -8.47 4.66 -31.53
C LEU B 336 -9.54 3.59 -31.31
N ILE B 337 -9.67 3.06 -30.07
CA ILE B 337 -10.65 2.05 -29.66
C ILE B 337 -12.05 2.64 -29.84
N ASN B 338 -12.25 3.92 -29.38
CA ASN B 338 -13.50 4.68 -29.49
C ASN B 338 -13.96 4.73 -30.96
N MET B 339 -13.01 4.96 -31.89
CA MET B 339 -13.26 5.00 -33.33
C MET B 339 -13.70 3.64 -33.86
N VAL B 340 -13.12 2.55 -33.32
CA VAL B 340 -13.44 1.17 -33.73
C VAL B 340 -14.87 0.81 -33.27
N PHE B 341 -15.30 1.37 -32.13
CA PHE B 341 -16.66 1.17 -31.62
C PHE B 341 -17.69 1.90 -32.48
N GLN B 342 -17.24 2.87 -33.30
CA GLN B 342 -18.09 3.66 -34.17
C GLN B 342 -18.04 3.19 -35.62
N MET B 343 -16.82 2.97 -36.15
CA MET B 343 -16.60 2.55 -37.54
C MET B 343 -16.34 1.05 -37.66
N GLY B 344 -15.47 0.52 -36.81
CA GLY B 344 -15.04 -0.87 -36.86
C GLY B 344 -13.67 -0.90 -37.49
N GLU B 345 -12.99 -2.07 -37.40
CA GLU B 345 -11.63 -2.28 -37.95
C GLU B 345 -11.43 -1.72 -39.36
N THR B 346 -12.22 -2.20 -40.34
CA THR B 346 -12.17 -1.80 -41.75
C THR B 346 -12.34 -0.29 -41.97
N GLY B 347 -13.24 0.33 -41.22
CA GLY B 347 -13.51 1.76 -41.30
C GLY B 347 -12.35 2.63 -40.86
N VAL B 348 -11.78 2.31 -39.67
CA VAL B 348 -10.63 3.02 -39.07
C VAL B 348 -9.37 2.78 -39.90
N ALA B 349 -9.16 1.52 -40.36
CA ALA B 349 -8.01 1.11 -41.18
C ALA B 349 -7.97 1.82 -42.53
N GLY B 350 -9.09 2.44 -42.92
CA GLY B 350 -9.23 3.19 -44.15
C GLY B 350 -8.49 4.51 -44.13
N PHE B 351 -8.36 5.14 -42.95
CA PHE B 351 -7.67 6.42 -42.75
C PHE B 351 -6.14 6.25 -42.83
N THR B 352 -5.64 5.68 -43.95
CA THR B 352 -4.23 5.38 -44.23
C THR B 352 -3.27 6.55 -44.01
N ASN B 353 -3.69 7.77 -44.42
CA ASN B 353 -2.90 9.00 -44.26
C ASN B 353 -2.91 9.47 -42.82
N SER B 354 -4.02 9.27 -42.10
CA SER B 354 -4.16 9.67 -40.71
C SER B 354 -3.37 8.75 -39.77
N LEU B 355 -3.47 7.42 -39.99
CA LEU B 355 -2.77 6.37 -39.21
C LEU B 355 -1.24 6.52 -39.27
N ARG B 356 -0.75 7.11 -40.37
CA ARG B 356 0.66 7.40 -40.66
C ARG B 356 1.25 8.34 -39.61
N MET B 357 0.64 9.53 -39.46
CA MET B 357 1.05 10.59 -38.54
C MET B 357 0.83 10.24 -37.06
N LEU B 358 -0.17 9.36 -36.76
CA LEU B 358 -0.47 8.90 -35.40
C LEU B 358 0.69 8.06 -34.86
N GLN B 359 1.28 7.22 -35.74
CA GLN B 359 2.42 6.37 -35.36
C GLN B 359 3.76 7.06 -35.62
N GLN B 360 3.72 8.34 -36.04
CA GLN B 360 4.88 9.17 -36.33
C GLN B 360 5.03 10.33 -35.33
N LYS B 361 4.19 10.35 -34.27
CA LYS B 361 4.17 11.37 -33.22
C LYS B 361 3.86 12.80 -33.71
N ARG B 362 3.25 12.92 -34.92
CA ARG B 362 2.86 14.20 -35.52
C ARG B 362 1.34 14.35 -35.33
N TRP B 363 0.96 14.86 -34.15
CA TRP B 363 -0.44 15.02 -33.74
C TRP B 363 -1.17 16.13 -34.46
N ASP B 364 -0.59 17.35 -34.49
CA ASP B 364 -1.20 18.52 -35.13
C ASP B 364 -1.46 18.33 -36.62
N GLU B 365 -0.66 17.44 -37.28
CA GLU B 365 -0.76 17.09 -38.70
C GLU B 365 -1.93 16.11 -38.90
N ALA B 366 -2.09 15.12 -38.00
CA ALA B 366 -3.12 14.10 -38.04
C ALA B 366 -4.51 14.69 -37.76
N ALA B 367 -4.62 15.56 -36.73
CA ALA B 367 -5.86 16.20 -36.29
C ALA B 367 -6.53 17.00 -37.41
N VAL B 368 -5.75 17.83 -38.14
CA VAL B 368 -6.25 18.65 -39.24
C VAL B 368 -6.67 17.80 -40.45
N ASN B 369 -5.97 16.67 -40.68
CA ASN B 369 -6.25 15.74 -41.77
C ASN B 369 -7.56 14.96 -41.51
N LEU B 370 -7.80 14.60 -40.24
CA LEU B 370 -9.00 13.87 -39.81
C LEU B 370 -10.27 14.74 -39.86
N ALA B 371 -10.13 16.07 -39.65
CA ALA B 371 -11.22 17.04 -39.70
C ALA B 371 -11.71 17.27 -41.15
N LYS B 372 -10.98 16.73 -42.13
CA LYS B 372 -11.27 16.84 -43.57
C LYS B 372 -12.08 15.63 -44.08
N SER B 373 -12.17 14.56 -43.27
CA SER B 373 -12.89 13.33 -43.60
C SER B 373 -14.41 13.48 -43.63
N ARG B 374 -15.10 12.46 -44.19
CA ARG B 374 -16.57 12.33 -44.27
C ARG B 374 -17.08 12.14 -42.84
N TRP B 375 -16.36 11.34 -42.03
CA TRP B 375 -16.65 11.02 -40.64
C TRP B 375 -16.79 12.26 -39.76
N TYR B 376 -15.90 13.27 -39.90
CA TYR B 376 -15.94 14.48 -39.09
C TYR B 376 -17.19 15.33 -39.30
N ASN B 377 -17.47 15.74 -40.55
CA ASN B 377 -18.61 16.61 -40.84
C ASN B 377 -19.97 15.96 -40.61
N GLN B 378 -20.06 14.62 -40.80
CA GLN B 378 -21.31 13.86 -40.62
C GLN B 378 -21.66 13.69 -39.14
N THR B 379 -20.62 13.55 -38.30
CA THR B 379 -20.76 13.40 -36.85
C THR B 379 -19.72 14.30 -36.12
N PRO B 380 -19.92 15.64 -36.13
CA PRO B 380 -18.92 16.56 -35.55
C PRO B 380 -18.58 16.48 -34.06
N ASN B 381 -19.58 16.48 -33.16
CA ASN B 381 -19.37 16.50 -31.71
C ASN B 381 -18.42 15.43 -31.20
N ARG B 382 -18.69 14.14 -31.51
CA ARG B 382 -17.85 13.01 -31.10
C ARG B 382 -16.46 13.09 -31.75
N ALA B 383 -16.42 13.28 -33.10
CA ALA B 383 -15.18 13.38 -33.89
C ALA B 383 -14.29 14.53 -33.44
N LYS B 384 -14.87 15.68 -33.05
CA LYS B 384 -14.13 16.84 -32.55
C LYS B 384 -13.41 16.46 -31.24
N ARG B 385 -14.13 15.75 -30.33
CA ARG B 385 -13.63 15.28 -29.03
C ARG B 385 -12.54 14.22 -29.18
N VAL B 386 -12.68 13.32 -30.16
CA VAL B 386 -11.69 12.26 -30.43
C VAL B 386 -10.41 12.84 -31.07
N ILE B 387 -10.56 13.84 -31.97
CA ILE B 387 -9.44 14.53 -32.61
C ILE B 387 -8.60 15.27 -31.54
N THR B 388 -9.27 15.88 -30.55
CA THR B 388 -8.65 16.60 -29.43
C THR B 388 -7.82 15.62 -28.58
N THR B 389 -8.30 14.37 -28.44
CA THR B 389 -7.62 13.29 -27.70
C THR B 389 -6.29 12.93 -28.37
N PHE B 390 -6.28 12.79 -29.72
CA PHE B 390 -5.06 12.49 -30.48
C PHE B 390 -4.10 13.68 -30.44
N ARG B 391 -4.62 14.90 -30.70
CA ARG B 391 -3.87 16.15 -30.73
C ARG B 391 -3.11 16.48 -29.43
N THR B 392 -3.74 16.27 -28.27
CA THR B 392 -3.15 16.60 -26.97
C THR B 392 -2.61 15.41 -26.17
N GLY B 393 -3.29 14.26 -26.23
CA GLY B 393 -2.93 13.08 -25.46
C GLY B 393 -3.48 13.15 -24.05
N THR B 394 -4.40 14.11 -23.81
CA THR B 394 -5.06 14.36 -22.53
C THR B 394 -6.56 14.06 -22.64
N TRP B 395 -7.22 13.94 -21.49
CA TRP B 395 -8.67 13.68 -21.37
C TRP B 395 -9.49 14.97 -21.39
N ASP B 396 -8.83 16.12 -21.64
CA ASP B 396 -9.37 17.48 -21.68
C ASP B 396 -10.71 17.69 -22.38
N ALA B 397 -10.95 16.96 -23.48
CA ALA B 397 -12.19 17.04 -24.26
C ALA B 397 -13.41 16.42 -23.55
N TYR B 398 -13.17 15.58 -22.53
CA TYR B 398 -14.21 14.86 -21.79
C TYR B 398 -14.39 15.32 -20.34
N LYS B 407 0.98 12.77 -18.77
CA LYS B 407 1.83 11.96 -17.89
C LYS B 407 2.30 10.66 -18.57
N ALA B 408 3.62 10.58 -18.88
CA ALA B 408 4.28 9.43 -19.53
C ALA B 408 4.41 8.14 -18.73
N LEU B 409 3.96 7.01 -19.32
CA LEU B 409 4.00 5.70 -18.63
C LEU B 409 4.91 4.59 -19.17
N LYS B 410 5.12 4.53 -20.50
CA LYS B 410 5.96 3.50 -21.14
C LYS B 410 7.44 3.45 -20.70
N PRO B 411 8.19 4.59 -20.56
CA PRO B 411 9.59 4.50 -20.10
C PRO B 411 9.72 3.85 -18.71
N THR B 412 8.76 4.13 -17.81
CA THR B 412 8.64 3.62 -16.45
C THR B 412 8.55 2.08 -16.45
N VAL B 413 7.62 1.54 -17.27
CA VAL B 413 7.34 0.11 -17.41
C VAL B 413 8.56 -0.63 -18.02
N ILE B 414 9.18 -0.06 -19.06
CA ILE B 414 10.37 -0.65 -19.69
C ILE B 414 11.52 -0.70 -18.68
N LEU B 415 11.80 0.42 -17.98
CA LEU B 415 12.85 0.54 -16.95
C LEU B 415 12.71 -0.54 -15.88
N ILE B 416 11.50 -0.71 -15.32
CA ILE B 416 11.18 -1.70 -14.29
C ILE B 416 11.29 -3.14 -14.79
N LEU B 417 10.74 -3.44 -16.00
CA LEU B 417 10.82 -4.79 -16.60
C LEU B 417 12.27 -5.16 -16.92
N ALA B 418 13.03 -4.20 -17.46
CA ALA B 418 14.45 -4.38 -17.81
C ALA B 418 15.29 -4.61 -16.55
N PHE B 419 14.99 -3.89 -15.45
CA PHE B 419 15.68 -4.06 -14.17
C PHE B 419 15.44 -5.45 -13.60
N PHE B 420 14.18 -5.90 -13.61
CA PHE B 420 13.82 -7.21 -13.08
C PHE B 420 14.33 -8.34 -13.97
N ALA B 421 14.34 -8.13 -15.31
CA ALA B 421 14.86 -9.09 -16.29
C ALA B 421 16.37 -9.26 -16.06
N CYS B 422 17.08 -8.15 -15.78
CA CYS B 422 18.51 -8.11 -15.48
C CYS B 422 18.78 -9.05 -14.28
N TRP B 423 18.04 -8.85 -13.19
CA TRP B 423 18.15 -9.60 -11.95
C TRP B 423 17.51 -10.98 -11.98
N LEU B 424 16.64 -11.27 -12.98
CA LEU B 424 15.94 -12.56 -13.08
C LEU B 424 16.81 -13.84 -13.08
N PRO B 425 17.89 -13.98 -13.91
CA PRO B 425 18.68 -15.22 -13.87
C PRO B 425 19.33 -15.49 -12.51
N TYR B 426 19.80 -14.42 -11.83
CA TYR B 426 20.40 -14.49 -10.49
C TYR B 426 19.41 -15.07 -9.49
N TYR B 427 18.14 -14.63 -9.54
CA TYR B 427 17.06 -15.11 -8.68
C TYR B 427 16.75 -16.59 -8.92
N ILE B 428 16.90 -17.08 -10.18
CA ILE B 428 16.70 -18.51 -10.52
C ILE B 428 17.84 -19.32 -9.87
N GLY B 429 19.07 -18.83 -10.01
CA GLY B 429 20.27 -19.42 -9.44
C GLY B 429 20.29 -19.41 -7.92
N ILE B 430 19.93 -18.27 -7.30
CA ILE B 430 19.87 -18.12 -5.85
C ILE B 430 18.72 -18.98 -5.29
N SER B 431 17.68 -19.24 -6.12
CA SER B 431 16.52 -20.07 -5.78
C SER B 431 16.96 -21.53 -5.65
N ILE B 432 17.67 -22.07 -6.67
CA ILE B 432 18.18 -23.43 -6.70
C ILE B 432 19.15 -23.65 -5.54
N ASP B 433 20.11 -22.72 -5.32
CA ASP B 433 21.09 -22.77 -4.23
C ASP B 433 20.41 -22.88 -2.85
N SER B 434 19.27 -22.18 -2.67
CA SER B 434 18.50 -22.22 -1.43
C SER B 434 17.69 -23.53 -1.32
N PHE B 435 17.34 -24.17 -2.46
CA PHE B 435 16.63 -25.45 -2.50
C PHE B 435 17.54 -26.60 -2.03
N ILE B 436 18.82 -26.61 -2.47
CA ILE B 436 19.81 -27.62 -2.06
C ILE B 436 20.24 -27.42 -0.61
N LEU B 437 20.48 -26.16 -0.19
CA LEU B 437 20.87 -25.76 1.17
C LEU B 437 19.78 -26.16 2.18
N LEU B 438 18.52 -26.18 1.73
CA LEU B 438 17.35 -26.59 2.52
C LEU B 438 16.93 -28.05 2.30
N GLU B 439 17.71 -28.76 1.44
CA GLU B 439 17.61 -30.15 1.00
C GLU B 439 16.56 -30.85 0.11
N ILE B 440 15.82 -30.04 -0.65
CA ILE B 440 14.82 -30.50 -1.63
C ILE B 440 15.33 -31.16 -2.92
N ILE B 441 16.35 -30.55 -3.55
CA ILE B 441 16.97 -31.12 -4.75
C ILE B 441 18.20 -31.98 -4.37
N LYS B 442 18.43 -33.04 -5.16
CA LYS B 442 19.52 -34.00 -4.95
C LYS B 442 20.10 -34.74 -6.19
N GLN B 443 21.16 -34.17 -6.76
CA GLN B 443 22.07 -34.70 -7.77
C GLN B 443 23.53 -34.88 -7.32
N GLY B 444 23.87 -34.32 -6.15
CA GLY B 444 25.18 -34.43 -5.53
C GLY B 444 25.88 -33.11 -5.78
N CYS B 445 27.19 -33.08 -5.47
CA CYS B 445 28.07 -31.90 -5.58
C CYS B 445 28.51 -31.45 -6.98
N GLU B 446 28.26 -32.27 -8.03
CA GLU B 446 28.65 -31.89 -9.40
C GLU B 446 27.83 -30.72 -9.94
N PHE B 447 26.49 -30.79 -9.81
CA PHE B 447 25.60 -29.72 -10.24
C PHE B 447 25.55 -28.59 -9.22
N GLU B 448 26.01 -28.85 -7.98
CA GLU B 448 26.08 -27.90 -6.87
C GLU B 448 27.08 -26.79 -7.17
N ASN B 449 28.18 -27.13 -7.85
CA ASN B 449 29.20 -26.16 -8.25
C ASN B 449 28.82 -25.49 -9.56
N THR B 450 28.03 -26.19 -10.41
CA THR B 450 27.51 -25.69 -11.69
C THR B 450 26.53 -24.56 -11.36
N VAL B 451 25.75 -24.74 -10.28
CA VAL B 451 24.81 -23.77 -9.74
C VAL B 451 25.60 -22.59 -9.14
N HIS B 452 26.71 -22.89 -8.42
CA HIS B 452 27.57 -21.86 -7.82
C HIS B 452 28.32 -21.04 -8.87
N LYS B 453 28.60 -21.65 -10.03
CA LYS B 453 29.24 -21.03 -11.20
C LYS B 453 28.21 -20.09 -11.84
N TRP B 454 26.93 -20.54 -11.86
CA TRP B 454 25.78 -19.81 -12.40
C TRP B 454 25.58 -18.52 -11.61
N ILE B 455 25.47 -18.61 -10.27
CA ILE B 455 25.30 -17.47 -9.36
C ILE B 455 26.38 -16.39 -9.59
N SER B 456 27.66 -16.82 -9.65
CA SER B 456 28.82 -15.94 -9.88
C SER B 456 28.66 -15.14 -11.16
N ILE B 457 28.32 -15.82 -12.28
CA ILE B 457 28.14 -15.18 -13.58
C ILE B 457 26.87 -14.31 -13.64
N THR B 458 25.73 -14.88 -13.24
CA THR B 458 24.42 -14.21 -13.25
C THR B 458 24.37 -12.96 -12.36
N GLU B 459 25.12 -12.92 -11.23
CA GLU B 459 25.17 -11.75 -10.34
C GLU B 459 25.88 -10.59 -11.04
N ALA B 460 27.01 -10.87 -11.71
CA ALA B 460 27.76 -9.85 -12.45
C ALA B 460 26.99 -9.45 -13.68
N LEU B 461 26.38 -10.43 -14.38
CA LEU B 461 25.56 -10.23 -15.58
C LEU B 461 24.29 -9.43 -15.23
N ALA B 462 23.93 -9.38 -13.93
CA ALA B 462 22.80 -8.61 -13.43
C ALA B 462 23.26 -7.26 -12.90
N PHE B 463 24.45 -6.79 -13.32
CA PHE B 463 24.91 -5.45 -12.93
C PHE B 463 24.50 -4.47 -14.02
N PHE B 464 24.14 -4.98 -15.22
CA PHE B 464 23.66 -4.21 -16.38
C PHE B 464 22.49 -3.28 -16.03
N HIS B 465 21.81 -3.55 -14.90
CA HIS B 465 20.75 -2.75 -14.32
C HIS B 465 21.24 -1.28 -14.13
N CYS B 466 22.56 -1.11 -13.85
CA CYS B 466 23.23 0.18 -13.69
C CYS B 466 23.21 0.91 -15.01
N CYS B 467 23.33 0.14 -16.11
CA CYS B 467 23.39 0.63 -17.48
C CYS B 467 22.05 0.98 -18.08
N LEU B 468 20.98 0.23 -17.76
CA LEU B 468 19.66 0.48 -18.35
C LEU B 468 18.96 1.79 -18.07
N ASN B 469 19.54 2.68 -17.25
CA ASN B 469 18.96 3.99 -17.03
C ASN B 469 19.45 4.92 -18.16
N PRO B 470 20.77 5.17 -18.35
CA PRO B 470 21.21 6.02 -19.47
C PRO B 470 20.93 5.42 -20.85
N ILE B 471 20.97 4.06 -20.95
CA ILE B 471 20.67 3.34 -22.17
C ILE B 471 19.17 3.55 -22.50
N LEU B 472 18.32 3.76 -21.46
CA LEU B 472 16.90 4.05 -21.66
C LEU B 472 16.50 5.24 -22.56
N TYR B 473 17.47 6.12 -22.81
CA TYR B 473 17.33 7.24 -23.71
C TYR B 473 17.68 6.71 -25.10
N ALA B 474 16.64 6.16 -25.76
CA ALA B 474 16.61 5.57 -27.08
C ALA B 474 15.14 5.54 -27.49
C1 ITD C . 4.20 -22.33 18.59
N1 ITD C . 3.08 -22.91 20.65
S1 ITD C . 3.34 -23.70 23.34
C2 ITD C . 3.56 -23.46 19.38
N2 ITD C . 4.38 -24.56 21.17
S2 ITD C . 4.76 -27.78 21.31
C3 ITD C . 2.43 -24.14 18.63
N3 ITD C . 4.94 -28.56 23.63
C4 ITD C . 3.56 -23.66 21.64
N4 ITD C . 2.69 -28.49 22.87
C5 ITD C . 4.43 -25.04 23.45
C6 ITD C . 4.57 -24.54 19.73
C7 ITD C . 4.88 -25.35 22.14
C8 ITD C . 5.83 -26.46 21.78
C9 ITD C . 4.03 -28.32 22.70
C10 ITD C . 4.81 -29.02 24.97
C11 ITD C . 4.21 -30.43 25.04
C12 ITD C . 4.19 -30.92 26.50
C13 ITD C . 3.55 -29.88 27.45
C14 ITD C . 4.17 -28.48 27.32
C15 ITD C . 4.12 -28.00 25.88
C16 ITD C . 1.49 -27.99 22.15
C17 ITD C . 1.55 -26.61 21.45
C18 ITD C . 0.33 -26.27 20.57
C19 ITD C . -0.30 -27.43 19.80
C20 ITD C . -0.54 -28.64 20.70
C21 ITD C . 0.77 -29.09 21.35
C1 ITD D . 27.02 -10.95 -2.33
N1 ITD D . 28.57 -11.13 -4.14
S1 ITD D . 30.75 -12.01 -5.69
C2 ITD D . 28.48 -10.83 -2.72
N2 ITD D . 30.22 -12.15 -3.18
S2 ITD D . 33.33 -12.01 -1.68
C3 ITD D . 29.05 -9.45 -2.41
N3 ITD D . 34.91 -13.23 -3.17
C4 ITD D . 29.75 -11.72 -4.32
N4 ITD D . 35.04 -10.89 -3.36
C5 ITD D . 31.91 -12.78 -4.65
C6 ITD D . 29.36 -11.88 -2.04
C7 ITD D . 31.43 -12.74 -3.30
C8 ITD D . 32.16 -13.29 -2.10
C9 ITD D . 34.53 -12.01 -2.82
C10 ITD D . 35.90 -13.72 -4.14
C11 ITD D . 37.36 -13.64 -3.75
C12 ITD D . 38.05 -14.75 -4.55
C13 ITD D . 37.83 -14.56 -6.06
C14 ITD D . 36.37 -14.38 -6.47
C15 ITD D . 35.68 -13.32 -5.61
C16 ITD D . 34.48 -9.55 -3.47
C17 ITD D . 32.98 -9.39 -3.73
C18 ITD D . 32.38 -8.00 -3.43
C19 ITD D . 33.16 -7.00 -2.59
C20 ITD D . 34.67 -7.14 -2.78
C21 ITD D . 35.07 -8.57 -2.45
#